data_2CA6
#
_entry.id   2CA6
#
_cell.length_a   175.210
_cell.length_b   175.210
_cell.length_c   55.850
_cell.angle_alpha   90.00
_cell.angle_beta   90.00
_cell.angle_gamma   90.00
#
_symmetry.space_group_name_H-M   'I 41'
#
loop_
_entity.id
_entity.type
_entity.pdbx_description
1 polymer 'RAN GTPASE-ACTIVATING PROTEIN 1'
2 non-polymer 'SULFATE ION'
3 water water
#
_entity_poly.entity_id   1
_entity_poly.type   'polypeptide(L)'
_entity_poly.pdbx_seq_one_letter_code
;MARFSIEGKSLKLDAITTEDEKSVFAVLLEDDSVKEIVLSGNTIGTEAARWLSENIASKKDLEIAEFSDIFTGRVKDEIP
EALRLLLQALLKCPKLHTVRLSDNAFGPTAQEPLIDFLSKHTPLEHLYLHNNGLGPQAGAKIARALQELAVNKKAKNAPP
LRSIICGRNRLENGSMKEWAKTFQSHRLLHTVKMVQNGIRPEGIEHLLLEGLAYCQELKVLDLQDNTFTHLGSSALAIAL
KSWPNLRELGLNDCLLSARGAAAVVDAFSKLENIGLQTLRLQYNEIELDAVRTLKTVIDEKMPDLLFLELNGNRFSEEDD
VVDEIREVFSTRGRGELDELDDMEELTDEEEEDEEEEAESQSPEPETSEEEKEDKELADELSKAHI
;
_entity_poly.pdbx_strand_id   A,B
#
# COMPACT_ATOMS: atom_id res chain seq x y z
N ALA A 2 4.06 -35.94 -2.39
CA ALA A 2 4.68 -35.15 -3.47
C ALA A 2 4.10 -33.74 -3.57
N ARG A 3 4.97 -32.75 -3.77
CA ARG A 3 4.54 -31.37 -3.88
C ARG A 3 4.85 -30.81 -5.28
N PHE A 4 3.82 -30.28 -5.94
CA PHE A 4 4.01 -29.72 -7.27
C PHE A 4 3.89 -28.20 -7.24
N SER A 5 4.90 -27.53 -7.79
CA SER A 5 4.89 -26.07 -7.80
C SER A 5 5.47 -25.44 -9.06
N ILE A 6 4.79 -24.41 -9.55
CA ILE A 6 5.21 -23.66 -10.73
C ILE A 6 5.17 -22.22 -10.22
N GLU A 7 5.17 -22.09 -8.90
CA GLU A 7 5.12 -20.81 -8.22
C GLU A 7 6.04 -19.72 -8.78
N GLY A 8 5.45 -18.53 -8.93
CA GLY A 8 6.18 -17.38 -9.43
C GLY A 8 6.82 -17.52 -10.79
N LYS A 9 6.44 -18.55 -11.55
CA LYS A 9 7.00 -18.77 -12.89
C LYS A 9 6.44 -17.78 -13.91
N SER A 10 5.47 -16.99 -13.49
CA SER A 10 4.85 -15.97 -14.34
C SER A 10 4.49 -16.53 -15.71
N LEU A 11 3.57 -17.50 -15.73
CA LEU A 11 3.15 -18.15 -16.97
C LEU A 11 1.78 -17.70 -17.46
N LYS A 12 1.75 -17.13 -18.66
CA LYS A 12 0.50 -16.68 -19.28
C LYS A 12 -0.13 -17.89 -19.97
N LEU A 13 -0.71 -18.76 -19.16
CA LEU A 13 -1.32 -19.99 -19.67
C LEU A 13 -2.81 -19.93 -20.02
N ASP A 14 -3.09 -19.63 -21.29
CA ASP A 14 -4.47 -19.58 -21.76
C ASP A 14 -4.85 -21.06 -21.99
N ALA A 15 -3.83 -21.87 -22.22
CA ALA A 15 -3.98 -23.30 -22.46
C ALA A 15 -2.66 -24.02 -22.15
N ILE A 16 -2.67 -25.35 -22.26
CA ILE A 16 -1.47 -26.14 -22.00
C ILE A 16 -0.91 -26.74 -23.30
N THR A 17 0.21 -26.18 -23.75
CA THR A 17 0.86 -26.61 -24.99
C THR A 17 1.25 -28.08 -25.02
N THR A 18 2.13 -28.42 -25.95
CA THR A 18 2.61 -29.78 -26.12
C THR A 18 3.82 -29.96 -25.22
N GLU A 19 4.86 -29.18 -25.46
CA GLU A 19 6.07 -29.27 -24.64
C GLU A 19 5.82 -28.58 -23.31
N ASP A 20 4.82 -27.71 -23.29
CA ASP A 20 4.46 -27.01 -22.06
C ASP A 20 3.83 -28.06 -21.16
N GLU A 21 3.35 -29.13 -21.77
CA GLU A 21 2.71 -30.22 -21.07
C GLU A 21 3.72 -31.34 -20.80
N LYS A 22 4.82 -31.33 -21.56
CA LYS A 22 5.88 -32.32 -21.45
C LYS A 22 7.07 -31.80 -20.64
N SER A 23 7.18 -30.48 -20.52
CA SER A 23 8.29 -29.86 -19.80
C SER A 23 7.87 -29.00 -18.61
N VAL A 24 6.58 -28.87 -18.37
CA VAL A 24 6.15 -28.04 -17.24
C VAL A 24 5.33 -28.82 -16.22
N PHE A 25 4.23 -29.41 -16.68
CA PHE A 25 3.37 -30.16 -15.77
C PHE A 25 3.53 -31.65 -16.00
N ALA A 26 4.77 -32.08 -16.26
CA ALA A 26 5.05 -33.49 -16.48
C ALA A 26 4.80 -34.24 -15.18
N VAL A 27 5.28 -33.68 -14.07
CA VAL A 27 5.10 -34.30 -12.77
C VAL A 27 3.63 -34.34 -12.39
N LEU A 28 2.91 -33.26 -12.67
CA LEU A 28 1.50 -33.16 -12.34
C LEU A 28 0.68 -34.07 -13.26
N LEU A 29 1.25 -34.38 -14.42
CA LEU A 29 0.58 -35.23 -15.39
C LEU A 29 1.01 -36.69 -15.27
N GLU A 30 2.06 -36.96 -14.49
CA GLU A 30 2.55 -38.32 -14.34
C GLU A 30 2.42 -38.91 -12.93
N ASP A 31 2.54 -38.07 -11.90
CA ASP A 31 2.45 -38.51 -10.52
C ASP A 31 1.00 -38.45 -10.02
N ASP A 32 0.59 -39.46 -9.24
CA ASP A 32 -0.77 -39.50 -8.70
C ASP A 32 -0.81 -39.30 -7.19
N SER A 33 0.37 -39.40 -6.56
CA SER A 33 0.49 -39.24 -5.13
C SER A 33 0.72 -37.77 -4.77
N VAL A 34 0.58 -36.90 -5.75
CA VAL A 34 0.75 -35.45 -5.56
C VAL A 34 -0.13 -35.01 -4.40
N LYS A 35 0.49 -34.45 -3.37
CA LYS A 35 -0.25 -34.00 -2.20
C LYS A 35 -0.41 -32.48 -2.11
N GLU A 36 0.43 -31.74 -2.82
CA GLU A 36 0.36 -30.28 -2.82
C GLU A 36 0.50 -29.75 -4.23
N ILE A 37 -0.20 -28.66 -4.51
CA ILE A 37 -0.13 -28.03 -5.82
C ILE A 37 -0.10 -26.52 -5.65
N VAL A 38 0.99 -25.90 -6.11
CA VAL A 38 1.15 -24.46 -6.01
C VAL A 38 1.11 -23.88 -7.43
N LEU A 39 0.07 -23.09 -7.72
CA LEU A 39 -0.10 -22.47 -9.02
C LEU A 39 0.02 -20.97 -8.91
N SER A 40 0.28 -20.50 -7.70
CA SER A 40 0.40 -19.07 -7.43
C SER A 40 1.49 -18.33 -8.20
N GLY A 41 1.12 -17.18 -8.77
CA GLY A 41 2.07 -16.37 -9.51
C GLY A 41 2.08 -16.57 -11.03
N ASN A 42 0.96 -17.06 -11.56
CA ASN A 42 0.82 -17.30 -12.99
C ASN A 42 -0.59 -16.87 -13.35
N THR A 43 -0.84 -16.69 -14.65
CA THR A 43 -2.16 -16.29 -15.13
C THR A 43 -2.81 -17.47 -15.84
N ILE A 44 -3.82 -18.04 -15.19
CA ILE A 44 -4.52 -19.19 -15.75
C ILE A 44 -5.78 -18.87 -16.55
N GLY A 45 -5.70 -19.14 -17.86
CA GLY A 45 -6.82 -18.92 -18.74
C GLY A 45 -7.76 -20.12 -18.70
N THR A 46 -8.88 -20.01 -19.39
CA THR A 46 -9.88 -21.08 -19.40
C THR A 46 -9.38 -22.46 -19.83
N GLU A 47 -8.84 -22.55 -21.03
CA GLU A 47 -8.38 -23.82 -21.55
C GLU A 47 -7.37 -24.49 -20.63
N ALA A 48 -6.41 -23.73 -20.15
CA ALA A 48 -5.38 -24.25 -19.24
C ALA A 48 -6.05 -24.82 -17.99
N ALA A 49 -7.05 -24.10 -17.50
CA ALA A 49 -7.78 -24.52 -16.31
C ALA A 49 -8.46 -25.87 -16.56
N ARG A 50 -9.01 -26.05 -17.76
CA ARG A 50 -9.68 -27.29 -18.11
C ARG A 50 -8.70 -28.45 -18.09
N TRP A 51 -7.48 -28.18 -18.55
CA TRP A 51 -6.44 -29.20 -18.58
C TRP A 51 -6.12 -29.61 -17.14
N LEU A 52 -5.70 -28.64 -16.34
CA LEU A 52 -5.34 -28.87 -14.94
C LEU A 52 -6.45 -29.60 -14.17
N SER A 53 -7.70 -29.23 -14.44
CA SER A 53 -8.84 -29.84 -13.76
C SER A 53 -8.85 -31.36 -13.88
N GLU A 54 -8.65 -31.85 -15.10
CA GLU A 54 -8.63 -33.29 -15.34
C GLU A 54 -7.40 -33.93 -14.69
N ASN A 55 -6.32 -33.16 -14.58
CA ASN A 55 -5.09 -33.66 -13.97
C ASN A 55 -5.01 -33.39 -12.48
N ILE A 56 -6.09 -32.85 -11.93
CA ILE A 56 -6.13 -32.55 -10.50
C ILE A 56 -7.14 -33.45 -9.81
N ALA A 57 -8.21 -33.79 -10.51
CA ALA A 57 -9.25 -34.65 -9.94
C ALA A 57 -8.76 -36.08 -9.77
N SER A 58 -7.62 -36.39 -10.40
CA SER A 58 -7.05 -37.73 -10.30
C SER A 58 -6.18 -37.85 -9.06
N LYS A 59 -5.82 -36.71 -8.49
CA LYS A 59 -4.99 -36.72 -7.30
C LYS A 59 -5.90 -36.94 -6.09
N LYS A 60 -6.20 -38.20 -5.80
CA LYS A 60 -7.06 -38.52 -4.68
C LYS A 60 -6.41 -38.27 -3.31
N ASP A 61 -5.13 -37.92 -3.32
CA ASP A 61 -4.43 -37.64 -2.06
C ASP A 61 -4.00 -36.20 -1.98
N LEU A 62 -4.64 -35.35 -2.78
CA LEU A 62 -4.33 -33.93 -2.76
C LEU A 62 -4.95 -33.38 -1.48
N GLU A 63 -4.16 -32.61 -0.72
CA GLU A 63 -4.63 -32.06 0.53
C GLU A 63 -4.53 -30.55 0.58
N ILE A 64 -3.55 -30.01 -0.15
CA ILE A 64 -3.33 -28.57 -0.17
C ILE A 64 -3.42 -28.04 -1.59
N ALA A 65 -4.23 -26.99 -1.76
CA ALA A 65 -4.38 -26.34 -3.05
C ALA A 65 -4.08 -24.86 -2.86
N GLU A 66 -2.87 -24.48 -3.20
CA GLU A 66 -2.44 -23.10 -3.10
C GLU A 66 -2.72 -22.47 -4.45
N PHE A 67 -3.90 -21.89 -4.61
CA PHE A 67 -4.25 -21.29 -5.89
C PHE A 67 -4.38 -19.78 -5.81
N SER A 68 -3.72 -19.17 -4.83
CA SER A 68 -3.78 -17.72 -4.70
C SER A 68 -3.06 -17.12 -5.90
N ASP A 69 -3.44 -15.89 -6.26
CA ASP A 69 -2.81 -15.20 -7.36
C ASP A 69 -2.61 -16.05 -8.63
N ILE A 70 -3.70 -16.29 -9.36
CA ILE A 70 -3.62 -17.07 -10.59
C ILE A 70 -4.52 -16.51 -11.69
N PHE A 71 -4.90 -15.24 -11.57
CA PHE A 71 -5.77 -14.61 -12.56
C PHE A 71 -5.42 -13.14 -12.84
N THR A 72 -4.18 -12.73 -12.52
CA THR A 72 -3.79 -11.34 -12.77
C THR A 72 -3.60 -11.06 -14.24
N GLY A 73 -4.39 -10.11 -14.74
CA GLY A 73 -4.33 -9.75 -16.13
C GLY A 73 -5.63 -10.18 -16.82
N ARG A 74 -6.29 -11.17 -16.24
CA ARG A 74 -7.54 -11.68 -16.80
C ARG A 74 -8.68 -10.68 -16.65
N VAL A 75 -9.67 -10.76 -17.53
CA VAL A 75 -10.82 -9.88 -17.44
C VAL A 75 -11.65 -10.47 -16.32
N LYS A 76 -11.91 -9.66 -15.31
CA LYS A 76 -12.66 -10.07 -14.13
C LYS A 76 -13.83 -11.00 -14.42
N ASP A 77 -14.65 -10.64 -15.39
CA ASP A 77 -15.82 -11.43 -15.75
C ASP A 77 -15.57 -12.53 -16.79
N GLU A 78 -14.34 -13.01 -16.86
CA GLU A 78 -14.00 -14.09 -17.79
C GLU A 78 -13.27 -15.18 -17.01
N ILE A 79 -13.09 -14.91 -15.72
CA ILE A 79 -12.45 -15.81 -14.76
C ILE A 79 -13.38 -16.93 -14.25
N PRO A 80 -14.70 -16.67 -14.21
CA PRO A 80 -15.66 -17.68 -13.73
C PRO A 80 -15.50 -19.10 -14.29
N GLU A 81 -15.26 -19.23 -15.60
CA GLU A 81 -15.12 -20.53 -16.24
C GLU A 81 -13.93 -21.36 -15.72
N ALA A 82 -12.78 -20.72 -15.58
CA ALA A 82 -11.59 -21.40 -15.07
C ALA A 82 -11.76 -21.71 -13.60
N LEU A 83 -12.33 -20.76 -12.85
CA LEU A 83 -12.54 -20.94 -11.43
C LEU A 83 -13.40 -22.17 -11.21
N ARG A 84 -14.57 -22.21 -11.86
CA ARG A 84 -15.51 -23.32 -11.75
C ARG A 84 -14.83 -24.65 -12.08
N LEU A 85 -14.09 -24.68 -13.19
CA LEU A 85 -13.38 -25.86 -13.63
C LEU A 85 -12.39 -26.35 -12.58
N LEU A 86 -11.71 -25.41 -11.92
CA LEU A 86 -10.74 -25.75 -10.90
C LEU A 86 -11.42 -26.18 -9.59
N LEU A 87 -12.38 -25.39 -9.12
CA LEU A 87 -13.07 -25.73 -7.87
C LEU A 87 -13.87 -27.03 -7.94
N GLN A 88 -14.41 -27.36 -9.11
CA GLN A 88 -15.18 -28.59 -9.25
C GLN A 88 -14.27 -29.80 -9.28
N ALA A 89 -13.02 -29.61 -9.68
CA ALA A 89 -12.05 -30.69 -9.72
C ALA A 89 -11.60 -30.96 -8.31
N LEU A 90 -11.49 -29.90 -7.52
CA LEU A 90 -11.06 -29.98 -6.12
C LEU A 90 -12.11 -30.67 -5.24
N LEU A 91 -13.38 -30.47 -5.58
CA LEU A 91 -14.47 -31.06 -4.81
C LEU A 91 -14.39 -32.58 -4.94
N LYS A 92 -13.49 -33.05 -5.79
CA LYS A 92 -13.33 -34.49 -5.98
C LYS A 92 -12.12 -35.03 -5.22
N CYS A 93 -11.41 -34.14 -4.52
CA CYS A 93 -10.25 -34.53 -3.71
C CYS A 93 -10.69 -34.58 -2.25
N PRO A 94 -10.97 -35.79 -1.74
CA PRO A 94 -11.42 -36.13 -0.40
C PRO A 94 -10.51 -35.76 0.78
N LYS A 95 -9.20 -35.70 0.53
CA LYS A 95 -8.24 -35.36 1.57
C LYS A 95 -7.80 -33.91 1.47
N LEU A 96 -8.45 -33.12 0.62
CA LEU A 96 -8.07 -31.72 0.46
C LEU A 96 -8.61 -30.94 1.66
N HIS A 97 -7.72 -30.63 2.61
CA HIS A 97 -8.11 -29.90 3.80
C HIS A 97 -7.81 -28.42 3.75
N THR A 98 -6.83 -28.03 2.94
CA THR A 98 -6.48 -26.61 2.86
C THR A 98 -6.59 -26.04 1.45
N VAL A 99 -7.32 -24.94 1.32
CA VAL A 99 -7.49 -24.28 0.04
C VAL A 99 -7.24 -22.78 0.16
N ARG A 100 -6.35 -22.27 -0.68
CA ARG A 100 -6.02 -20.85 -0.67
C ARG A 100 -6.39 -20.25 -2.01
N LEU A 101 -7.17 -19.18 -1.97
CA LEU A 101 -7.66 -18.53 -3.17
C LEU A 101 -7.54 -17.02 -3.06
N SER A 102 -6.57 -16.58 -2.27
CA SER A 102 -6.32 -15.16 -2.03
C SER A 102 -5.74 -14.47 -3.28
N ASP A 103 -5.70 -13.15 -3.22
CA ASP A 103 -5.17 -12.33 -4.31
C ASP A 103 -5.76 -12.67 -5.67
N ASN A 104 -7.06 -12.91 -5.68
CA ASN A 104 -7.80 -13.21 -6.91
C ASN A 104 -9.06 -12.36 -6.90
N ALA A 105 -9.25 -11.53 -7.92
CA ALA A 105 -10.42 -10.66 -8.00
C ALA A 105 -11.66 -11.44 -8.42
N PHE A 106 -12.55 -11.68 -7.46
CA PHE A 106 -13.77 -12.43 -7.70
C PHE A 106 -15.00 -11.54 -7.74
N GLY A 107 -15.43 -11.22 -8.96
CA GLY A 107 -16.61 -10.41 -9.14
C GLY A 107 -17.82 -11.27 -8.78
N PRO A 108 -19.02 -10.68 -8.72
CA PRO A 108 -20.26 -11.40 -8.39
C PRO A 108 -20.51 -12.67 -9.22
N THR A 109 -19.91 -12.74 -10.40
CA THR A 109 -20.08 -13.91 -11.25
C THR A 109 -19.14 -15.04 -10.82
N ALA A 110 -17.89 -14.69 -10.59
CA ALA A 110 -16.91 -15.68 -10.16
C ALA A 110 -17.31 -16.23 -8.79
N GLN A 111 -18.22 -15.53 -8.12
CA GLN A 111 -18.68 -15.94 -6.80
C GLN A 111 -19.60 -17.17 -6.76
N GLU A 112 -20.20 -17.52 -7.89
CA GLU A 112 -21.10 -18.66 -7.90
C GLU A 112 -20.35 -19.97 -7.68
N PRO A 113 -19.38 -20.29 -8.55
CA PRO A 113 -18.67 -21.55 -8.30
C PRO A 113 -17.95 -21.54 -6.95
N LEU A 114 -17.58 -20.33 -6.50
CA LEU A 114 -16.90 -20.20 -5.22
C LEU A 114 -17.84 -20.58 -4.09
N ILE A 115 -19.07 -20.11 -4.19
CA ILE A 115 -20.10 -20.38 -3.18
C ILE A 115 -20.48 -21.86 -3.14
N ASP A 116 -20.74 -22.44 -4.32
CA ASP A 116 -21.12 -23.85 -4.41
C ASP A 116 -20.03 -24.73 -3.79
N PHE A 117 -18.79 -24.50 -4.21
CA PHE A 117 -17.65 -25.25 -3.69
C PHE A 117 -17.54 -25.11 -2.17
N LEU A 118 -17.41 -23.87 -1.71
CA LEU A 118 -17.29 -23.59 -0.28
C LEU A 118 -18.39 -24.23 0.55
N SER A 119 -19.58 -24.34 -0.03
CA SER A 119 -20.70 -24.93 0.69
C SER A 119 -20.73 -26.46 0.61
N LYS A 120 -19.98 -27.03 -0.32
CA LYS A 120 -19.99 -28.48 -0.49
C LYS A 120 -18.74 -29.26 -0.08
N HIS A 121 -17.58 -28.61 -0.05
CA HIS A 121 -16.33 -29.30 0.30
C HIS A 121 -16.17 -29.57 1.80
N THR A 122 -16.76 -30.68 2.26
CA THR A 122 -16.71 -31.09 3.67
C THR A 122 -15.33 -31.45 4.22
N PRO A 123 -14.34 -31.72 3.35
CA PRO A 123 -13.04 -32.05 3.93
C PRO A 123 -12.21 -30.79 4.23
N LEU A 124 -12.76 -29.63 3.90
CA LEU A 124 -12.10 -28.35 4.13
C LEU A 124 -11.86 -28.09 5.63
N GLU A 125 -10.67 -27.62 5.97
CA GLU A 125 -10.34 -27.33 7.36
C GLU A 125 -9.66 -25.96 7.43
N HIS A 126 -8.89 -25.61 6.40
CA HIS A 126 -8.21 -24.33 6.37
C HIS A 126 -8.53 -23.62 5.08
N LEU A 127 -9.13 -22.45 5.21
CA LEU A 127 -9.50 -21.66 4.05
C LEU A 127 -8.80 -20.31 4.08
N TYR A 128 -8.29 -19.92 2.93
CA TYR A 128 -7.61 -18.64 2.79
C TYR A 128 -8.26 -17.90 1.63
N LEU A 129 -8.94 -16.80 1.97
CA LEU A 129 -9.62 -15.99 0.99
C LEU A 129 -9.35 -14.53 1.34
N HIS A 130 -8.13 -14.10 1.07
CA HIS A 130 -7.71 -12.73 1.41
C HIS A 130 -7.41 -11.88 0.17
N ASN A 131 -7.97 -10.67 0.15
CA ASN A 131 -7.78 -9.75 -0.97
C ASN A 131 -8.39 -10.29 -2.26
N ASN A 132 -9.72 -10.24 -2.35
CA ASN A 132 -10.44 -10.70 -3.51
C ASN A 132 -11.46 -9.66 -3.94
N GLY A 133 -11.45 -8.52 -3.25
CA GLY A 133 -12.39 -7.44 -3.54
C GLY A 133 -13.85 -7.83 -3.39
N LEU A 134 -14.15 -8.75 -2.48
CA LEU A 134 -15.51 -9.22 -2.27
C LEU A 134 -16.50 -8.12 -1.93
N GLY A 135 -16.36 -7.52 -0.75
CA GLY A 135 -17.25 -6.46 -0.34
C GLY A 135 -18.31 -7.00 0.60
N PRO A 136 -19.22 -6.15 1.10
CA PRO A 136 -20.27 -6.59 2.03
C PRO A 136 -21.24 -7.61 1.42
N GLN A 137 -21.74 -7.29 0.24
CA GLN A 137 -22.68 -8.15 -0.45
C GLN A 137 -22.11 -9.56 -0.61
N ALA A 138 -20.98 -9.63 -1.30
CA ALA A 138 -20.31 -10.90 -1.57
C ALA A 138 -19.75 -11.52 -0.30
N GLY A 139 -19.46 -10.69 0.70
CA GLY A 139 -18.93 -11.20 1.95
C GLY A 139 -19.95 -12.07 2.65
N ALA A 140 -21.20 -11.60 2.69
CA ALA A 140 -22.27 -12.34 3.32
C ALA A 140 -22.53 -13.63 2.57
N LYS A 141 -22.26 -13.62 1.26
CA LYS A 141 -22.46 -14.81 0.43
C LYS A 141 -21.47 -15.90 0.84
N ILE A 142 -20.25 -15.51 1.16
CA ILE A 142 -19.24 -16.46 1.58
C ILE A 142 -19.70 -17.01 2.92
N ALA A 143 -20.09 -16.10 3.82
CA ALA A 143 -20.58 -16.46 5.14
C ALA A 143 -21.70 -17.48 5.02
N ARG A 144 -22.72 -17.13 4.25
CA ARG A 144 -23.87 -18.00 4.05
C ARG A 144 -23.47 -19.38 3.52
N ALA A 145 -22.63 -19.41 2.50
CA ALA A 145 -22.18 -20.67 1.92
C ALA A 145 -21.44 -21.50 2.96
N LEU A 146 -20.58 -20.86 3.73
CA LEU A 146 -19.81 -21.55 4.78
C LEU A 146 -20.72 -22.13 5.86
N GLN A 147 -21.92 -21.57 5.99
CA GLN A 147 -22.90 -22.05 6.95
C GLN A 147 -23.49 -23.36 6.41
N GLU A 148 -23.58 -23.47 5.08
CA GLU A 148 -24.09 -24.69 4.45
C GLU A 148 -23.06 -25.81 4.61
N LEU A 149 -21.81 -25.42 4.65
CA LEU A 149 -20.70 -26.35 4.82
C LEU A 149 -20.80 -27.07 6.16
N ALA A 150 -21.15 -26.32 7.20
CA ALA A 150 -21.30 -26.87 8.55
C ALA A 150 -22.36 -27.98 8.55
N VAL A 151 -23.49 -27.71 7.90
CA VAL A 151 -24.57 -28.69 7.83
C VAL A 151 -24.10 -29.97 7.11
N ASN A 152 -23.47 -29.82 5.95
CA ASN A 152 -22.98 -30.98 5.20
C ASN A 152 -21.90 -31.72 5.99
N LYS A 153 -20.98 -30.97 6.58
CA LYS A 153 -19.92 -31.57 7.38
C LYS A 153 -20.54 -32.39 8.50
N LYS A 154 -21.55 -31.80 9.16
CA LYS A 154 -22.25 -32.42 10.28
C LYS A 154 -22.97 -33.71 9.93
N ALA A 155 -23.56 -33.76 8.75
CA ALA A 155 -24.28 -34.95 8.31
C ALA A 155 -23.32 -36.04 7.88
N LYS A 156 -22.16 -35.63 7.35
CA LYS A 156 -21.16 -36.58 6.86
C LYS A 156 -20.07 -36.93 7.86
N ASN A 157 -20.13 -36.34 9.06
CA ASN A 157 -19.13 -36.61 10.09
C ASN A 157 -17.75 -36.10 9.70
N ALA A 158 -17.68 -35.26 8.67
CA ALA A 158 -16.41 -34.70 8.21
C ALA A 158 -15.68 -33.98 9.33
N PRO A 159 -14.36 -33.75 9.17
CA PRO A 159 -13.55 -33.05 10.17
C PRO A 159 -14.05 -31.61 10.27
N PRO A 160 -13.80 -30.94 11.41
CA PRO A 160 -14.26 -29.55 11.53
C PRO A 160 -13.37 -28.51 10.86
N LEU A 161 -13.97 -27.37 10.53
CA LEU A 161 -13.23 -26.28 9.92
C LEU A 161 -12.35 -25.70 11.03
N ARG A 162 -11.05 -25.59 10.75
CA ARG A 162 -10.11 -25.07 11.74
C ARG A 162 -9.61 -23.64 11.50
N SER A 163 -9.36 -23.28 10.25
CA SER A 163 -8.88 -21.95 9.95
C SER A 163 -9.75 -21.18 8.97
N ILE A 164 -9.82 -19.87 9.19
CA ILE A 164 -10.59 -18.99 8.32
C ILE A 164 -9.85 -17.66 8.16
N ILE A 165 -9.15 -17.51 7.05
CA ILE A 165 -8.42 -16.26 6.77
C ILE A 165 -9.17 -15.50 5.68
N CYS A 166 -9.82 -14.42 6.07
CA CYS A 166 -10.55 -13.59 5.10
C CYS A 166 -10.43 -12.12 5.50
N GLY A 167 -9.46 -11.45 4.91
CA GLY A 167 -9.27 -10.06 5.22
C GLY A 167 -9.06 -9.29 3.94
N ARG A 168 -8.96 -7.98 4.05
CA ARG A 168 -8.73 -7.16 2.89
C ARG A 168 -9.73 -7.57 1.81
N ASN A 169 -11.01 -7.55 2.18
CA ASN A 169 -12.09 -7.93 1.26
C ASN A 169 -13.34 -7.09 1.52
N ARG A 170 -13.15 -5.95 2.18
CA ARG A 170 -14.24 -5.04 2.49
C ARG A 170 -15.51 -5.68 3.03
N LEU A 171 -15.38 -6.61 3.97
CA LEU A 171 -16.55 -7.26 4.54
C LEU A 171 -17.41 -6.25 5.27
N GLU A 172 -16.74 -5.31 5.93
CA GLU A 172 -17.35 -4.25 6.73
C GLU A 172 -18.57 -4.68 7.54
N ASN A 173 -19.35 -3.70 8.00
CA ASN A 173 -20.49 -4.02 8.84
C ASN A 173 -21.63 -4.77 8.15
N GLY A 174 -21.85 -4.47 6.86
CA GLY A 174 -22.94 -5.09 6.13
C GLY A 174 -23.00 -6.59 5.96
N SER A 175 -21.97 -7.33 6.35
CA SER A 175 -22.02 -8.78 6.20
C SER A 175 -21.73 -9.44 7.54
N MET A 176 -21.67 -8.62 8.59
CA MET A 176 -21.39 -9.12 9.92
C MET A 176 -22.47 -9.97 10.58
N LYS A 177 -23.74 -9.79 10.21
CA LYS A 177 -24.77 -10.60 10.84
C LYS A 177 -24.62 -12.01 10.29
N GLU A 178 -24.13 -12.10 9.05
CA GLU A 178 -23.94 -13.37 8.40
C GLU A 178 -22.75 -14.16 8.94
N TRP A 179 -21.63 -13.49 9.17
CA TRP A 179 -20.45 -14.15 9.70
C TRP A 179 -20.71 -14.63 11.12
N ALA A 180 -21.42 -13.81 11.90
CA ALA A 180 -21.75 -14.19 13.26
C ALA A 180 -22.39 -15.57 13.17
N LYS A 181 -23.31 -15.72 12.22
CA LYS A 181 -23.99 -17.00 11.99
C LYS A 181 -23.00 -18.07 11.51
N THR A 182 -22.02 -17.66 10.70
CA THR A 182 -21.03 -18.61 10.21
C THR A 182 -20.14 -19.12 11.33
N PHE A 183 -19.86 -18.28 12.32
CA PHE A 183 -19.04 -18.69 13.45
C PHE A 183 -19.85 -19.52 14.44
N GLN A 184 -21.17 -19.30 14.46
CA GLN A 184 -22.04 -20.08 15.33
C GLN A 184 -22.06 -21.50 14.77
N SER A 185 -21.98 -21.60 13.45
CA SER A 185 -21.99 -22.88 12.76
C SER A 185 -20.66 -23.63 12.93
N HIS A 186 -19.58 -22.89 13.10
CA HIS A 186 -18.24 -23.47 13.24
C HIS A 186 -17.62 -23.12 14.60
N ARG A 187 -18.09 -23.78 15.65
CA ARG A 187 -17.60 -23.51 17.00
C ARG A 187 -16.32 -24.25 17.39
N LEU A 188 -15.72 -24.98 16.44
CA LEU A 188 -14.49 -25.68 16.75
C LEU A 188 -13.32 -25.02 16.04
N LEU A 189 -13.52 -23.78 15.62
CA LEU A 189 -12.48 -23.02 14.93
C LEU A 189 -11.26 -22.77 15.81
N HIS A 190 -10.09 -22.81 15.19
CA HIS A 190 -8.83 -22.58 15.89
C HIS A 190 -8.20 -21.23 15.52
N THR A 191 -8.31 -20.86 14.26
CA THR A 191 -7.73 -19.60 13.82
C THR A 191 -8.73 -18.80 13.00
N VAL A 192 -8.81 -17.51 13.28
CA VAL A 192 -9.72 -16.60 12.56
C VAL A 192 -9.00 -15.29 12.31
N LYS A 193 -8.96 -14.87 11.06
CA LYS A 193 -8.30 -13.62 10.69
C LYS A 193 -9.14 -12.88 9.67
N MET A 194 -9.66 -11.73 10.06
CA MET A 194 -10.49 -10.92 9.15
C MET A 194 -9.98 -9.49 9.25
N VAL A 195 -8.71 -9.33 8.91
CA VAL A 195 -8.04 -8.05 8.98
C VAL A 195 -8.39 -7.15 7.80
N GLN A 196 -8.23 -5.84 8.03
CA GLN A 196 -8.44 -4.81 7.01
C GLN A 196 -9.68 -5.01 6.13
N ASN A 197 -10.85 -5.07 6.77
CA ASN A 197 -12.09 -5.24 6.04
C ASN A 197 -12.96 -3.99 6.16
N GLY A 198 -12.48 -3.01 6.90
CA GLY A 198 -13.25 -1.79 7.07
C GLY A 198 -14.42 -1.98 8.01
N ILE A 199 -14.39 -3.07 8.76
CA ILE A 199 -15.45 -3.34 9.72
C ILE A 199 -15.46 -2.22 10.75
N ARG A 200 -16.63 -1.71 11.08
CA ARG A 200 -16.71 -0.62 12.05
C ARG A 200 -17.27 -1.07 13.40
N PRO A 201 -17.20 -0.19 14.41
CA PRO A 201 -17.67 -0.44 15.78
C PRO A 201 -18.87 -1.37 16.00
N GLU A 202 -19.97 -1.08 15.32
CA GLU A 202 -21.17 -1.90 15.48
C GLU A 202 -21.02 -3.28 14.86
N GLY A 203 -20.15 -3.39 13.87
CA GLY A 203 -19.94 -4.67 13.23
C GLY A 203 -18.96 -5.50 14.04
N ILE A 204 -18.04 -4.83 14.71
CA ILE A 204 -17.07 -5.52 15.53
C ILE A 204 -17.80 -6.05 16.75
N GLU A 205 -18.63 -5.20 17.36
CA GLU A 205 -19.38 -5.60 18.54
C GLU A 205 -20.24 -6.83 18.27
N HIS A 206 -20.98 -6.78 17.17
CA HIS A 206 -21.87 -7.87 16.77
C HIS A 206 -21.10 -9.16 16.47
N LEU A 207 -20.06 -9.03 15.66
CA LEU A 207 -19.21 -10.16 15.26
C LEU A 207 -18.58 -10.88 16.45
N LEU A 208 -18.16 -10.12 17.45
CA LEU A 208 -17.54 -10.67 18.64
C LEU A 208 -18.52 -11.37 19.57
N LEU A 209 -19.56 -10.65 19.98
CA LEU A 209 -20.56 -11.18 20.89
C LEU A 209 -21.56 -12.18 20.31
N GLU A 210 -21.94 -12.00 19.05
CA GLU A 210 -22.90 -12.89 18.41
C GLU A 210 -22.26 -13.98 17.58
N GLY A 211 -20.94 -13.93 17.43
CA GLY A 211 -20.26 -14.92 16.63
C GLY A 211 -19.06 -15.57 17.30
N LEU A 212 -17.92 -14.89 17.24
CA LEU A 212 -16.68 -15.38 17.83
C LEU A 212 -16.82 -15.92 19.25
N ALA A 213 -17.66 -15.26 20.06
CA ALA A 213 -17.87 -15.66 21.45
C ALA A 213 -18.26 -17.12 21.62
N TYR A 214 -18.90 -17.70 20.60
CA TYR A 214 -19.32 -19.09 20.61
C TYR A 214 -18.18 -20.04 20.22
N CYS A 215 -17.07 -19.48 19.76
CA CYS A 215 -15.91 -20.28 19.34
C CYS A 215 -14.95 -20.46 20.53
N GLN A 216 -15.18 -21.51 21.30
CA GLN A 216 -14.37 -21.76 22.49
C GLN A 216 -12.97 -22.33 22.28
N GLU A 217 -12.72 -22.94 21.12
CA GLU A 217 -11.42 -23.53 20.84
C GLU A 217 -10.49 -22.54 20.18
N LEU A 218 -10.97 -21.32 20.02
CA LEU A 218 -10.19 -20.26 19.37
C LEU A 218 -8.82 -20.09 20.02
N LYS A 219 -7.79 -20.13 19.18
CA LYS A 219 -6.41 -19.98 19.64
C LYS A 219 -5.83 -18.66 19.12
N VAL A 220 -6.13 -18.36 17.85
CA VAL A 220 -5.63 -17.15 17.19
C VAL A 220 -6.73 -16.27 16.60
N LEU A 221 -6.78 -15.02 17.03
CA LEU A 221 -7.76 -14.09 16.48
C LEU A 221 -7.06 -12.80 16.06
N ASP A 222 -7.22 -12.43 14.80
CA ASP A 222 -6.59 -11.22 14.28
C ASP A 222 -7.63 -10.34 13.60
N LEU A 223 -7.98 -9.23 14.25
CA LEU A 223 -8.95 -8.28 13.69
C LEU A 223 -8.24 -6.98 13.35
N GLN A 224 -6.95 -7.10 13.03
CA GLN A 224 -6.11 -5.98 12.67
C GLN A 224 -6.82 -5.01 11.70
N ASP A 225 -6.52 -3.73 11.87
CA ASP A 225 -7.08 -2.65 11.06
C ASP A 225 -8.58 -2.67 10.75
N ASN A 226 -9.39 -2.51 11.79
CA ASN A 226 -10.84 -2.44 11.71
C ASN A 226 -11.17 -1.51 12.87
N THR A 227 -12.22 -0.70 12.74
CA THR A 227 -12.55 0.26 13.81
C THR A 227 -13.28 -0.33 15.00
N PHE A 228 -12.62 -0.31 16.16
CA PHE A 228 -13.20 -0.84 17.40
C PHE A 228 -13.92 0.23 18.23
N THR A 229 -13.15 1.24 18.65
CA THR A 229 -13.63 2.32 19.52
C THR A 229 -14.04 1.70 20.86
N HIS A 230 -14.62 2.48 21.75
CA HIS A 230 -15.00 1.94 23.05
C HIS A 230 -16.02 0.82 22.88
N LEU A 231 -16.93 0.99 21.93
CA LEU A 231 -17.97 0.00 21.68
C LEU A 231 -17.40 -1.38 21.37
N GLY A 232 -16.64 -1.46 20.27
CA GLY A 232 -16.05 -2.74 19.89
C GLY A 232 -15.21 -3.31 21.02
N SER A 233 -14.48 -2.45 21.71
CA SER A 233 -13.61 -2.84 22.82
C SER A 233 -14.38 -3.45 23.99
N SER A 234 -15.47 -2.81 24.38
CA SER A 234 -16.28 -3.33 25.46
C SER A 234 -16.86 -4.67 25.06
N ALA A 235 -17.05 -4.87 23.76
CA ALA A 235 -17.57 -6.14 23.25
C ALA A 235 -16.50 -7.24 23.32
N LEU A 236 -15.23 -6.83 23.25
CA LEU A 236 -14.11 -7.77 23.32
C LEU A 236 -13.90 -8.12 24.79
N ALA A 237 -13.97 -7.11 25.64
CA ALA A 237 -13.81 -7.27 27.07
C ALA A 237 -14.77 -8.36 27.60
N ILE A 238 -15.88 -8.56 26.89
CA ILE A 238 -16.87 -9.55 27.27
C ILE A 238 -16.60 -10.91 26.64
N ALA A 239 -16.17 -10.89 25.38
CA ALA A 239 -15.89 -12.12 24.64
C ALA A 239 -14.69 -12.90 25.16
N LEU A 240 -13.68 -12.17 25.66
CA LEU A 240 -12.46 -12.79 26.15
C LEU A 240 -12.65 -14.04 27.00
N LYS A 241 -13.47 -13.96 28.03
CA LYS A 241 -13.71 -15.10 28.91
C LYS A 241 -14.17 -16.35 28.16
N SER A 242 -14.60 -16.18 26.92
CA SER A 242 -15.06 -17.32 26.12
C SER A 242 -13.93 -18.12 25.48
N TRP A 243 -12.74 -17.52 25.35
CA TRP A 243 -11.60 -18.18 24.74
C TRP A 243 -10.46 -18.54 25.71
N PRO A 244 -10.67 -19.60 26.50
CA PRO A 244 -9.70 -20.09 27.49
C PRO A 244 -8.40 -20.59 26.87
N ASN A 245 -8.46 -20.90 25.58
CA ASN A 245 -7.28 -21.42 24.87
C ASN A 245 -6.62 -20.36 23.98
N LEU A 246 -7.00 -19.09 24.17
CA LEU A 246 -6.44 -17.99 23.39
C LEU A 246 -4.93 -17.87 23.52
N ARG A 247 -4.25 -17.89 22.39
CA ARG A 247 -2.80 -17.80 22.33
C ARG A 247 -2.35 -16.46 21.75
N GLU A 248 -2.93 -16.09 20.62
CA GLU A 248 -2.58 -14.85 19.95
C GLU A 248 -3.78 -13.97 19.72
N LEU A 249 -3.72 -12.75 20.23
CA LEU A 249 -4.81 -11.79 20.04
C LEU A 249 -4.25 -10.62 19.26
N GLY A 250 -4.64 -10.52 17.99
CA GLY A 250 -4.18 -9.45 17.12
C GLY A 250 -5.14 -8.27 17.10
N LEU A 251 -4.66 -7.09 17.49
CA LEU A 251 -5.50 -5.91 17.53
C LEU A 251 -4.78 -4.65 17.03
N ASN A 252 -3.77 -4.81 16.18
CA ASN A 252 -3.04 -3.65 15.68
C ASN A 252 -3.92 -2.70 14.84
N ASP A 253 -3.78 -1.42 15.10
CA ASP A 253 -4.52 -0.39 14.37
C ASP A 253 -6.03 -0.59 14.42
N CYS A 254 -6.56 -0.88 15.61
CA CYS A 254 -7.98 -1.10 15.77
C CYS A 254 -8.65 0.04 16.50
N LEU A 255 -7.89 1.10 16.77
CA LEU A 255 -8.41 2.26 17.48
C LEU A 255 -9.35 1.86 18.62
N LEU A 256 -8.87 1.00 19.50
CA LEU A 256 -9.65 0.55 20.65
C LEU A 256 -10.09 1.73 21.50
N SER A 257 -9.26 2.77 21.50
CA SER A 257 -9.44 4.01 22.27
C SER A 257 -8.71 3.85 23.61
N ALA A 258 -8.66 4.92 24.40
CA ALA A 258 -8.01 4.85 25.71
C ALA A 258 -8.87 4.04 26.67
N ARG A 259 -10.13 4.46 26.83
CA ARG A 259 -11.04 3.74 27.71
C ARG A 259 -11.32 2.35 27.15
N GLY A 260 -11.26 2.22 25.83
CA GLY A 260 -11.51 0.93 25.21
C GLY A 260 -10.47 -0.05 25.74
N ALA A 261 -9.21 0.36 25.61
CA ALA A 261 -8.05 -0.43 26.05
C ALA A 261 -8.09 -0.68 27.56
N ALA A 262 -8.60 0.27 28.32
CA ALA A 262 -8.70 0.13 29.77
C ALA A 262 -9.65 -1.03 30.08
N ALA A 263 -10.77 -1.04 29.36
CA ALA A 263 -11.80 -2.07 29.48
C ALA A 263 -11.26 -3.43 29.08
N VAL A 264 -10.43 -3.46 28.05
CA VAL A 264 -9.84 -4.71 27.59
C VAL A 264 -8.80 -5.23 28.57
N VAL A 265 -7.99 -4.33 29.11
CA VAL A 265 -6.98 -4.75 30.07
C VAL A 265 -7.67 -5.26 31.34
N ASP A 266 -8.73 -4.57 31.76
CA ASP A 266 -9.49 -4.96 32.96
C ASP A 266 -10.15 -6.34 32.80
N ALA A 267 -10.46 -6.70 31.56
CA ALA A 267 -11.10 -7.99 31.27
C ALA A 267 -10.07 -9.09 31.51
N PHE A 268 -8.86 -8.87 31.00
CA PHE A 268 -7.77 -9.83 31.17
C PHE A 268 -7.48 -10.03 32.64
N SER A 269 -7.40 -8.93 33.38
CA SER A 269 -7.11 -9.00 34.81
C SER A 269 -8.05 -10.00 35.51
N LYS A 270 -9.24 -10.18 34.95
CA LYS A 270 -10.24 -11.09 35.51
C LYS A 270 -10.16 -12.54 35.02
N LEU A 271 -9.22 -12.84 34.14
CA LEU A 271 -9.09 -14.20 33.63
C LEU A 271 -7.92 -14.93 34.24
N GLU A 272 -8.20 -16.13 34.73
CA GLU A 272 -7.19 -16.96 35.38
C GLU A 272 -6.67 -17.97 34.38
N ASN A 273 -5.39 -18.34 34.52
CA ASN A 273 -4.78 -19.32 33.63
C ASN A 273 -4.75 -18.83 32.17
N ILE A 274 -4.18 -17.65 31.95
CA ILE A 274 -4.09 -17.09 30.60
C ILE A 274 -2.91 -17.70 29.84
N GLY A 275 -3.19 -18.56 28.85
CA GLY A 275 -2.13 -19.18 28.06
C GLY A 275 -1.70 -18.33 26.85
N LEU A 276 -2.04 -17.05 26.92
CA LEU A 276 -1.74 -16.06 25.89
C LEU A 276 -0.23 -15.88 25.65
N GLN A 277 0.19 -15.94 24.38
CA GLN A 277 1.61 -15.77 24.04
C GLN A 277 1.88 -14.51 23.22
N THR A 278 0.90 -14.09 22.44
CA THR A 278 1.08 -12.91 21.60
C THR A 278 -0.07 -11.93 21.76
N LEU A 279 0.28 -10.68 22.08
CA LEU A 279 -0.69 -9.63 22.28
C LEU A 279 -0.29 -8.40 21.49
N ARG A 280 -1.05 -8.10 20.43
CA ARG A 280 -0.76 -6.96 19.55
C ARG A 280 -1.72 -5.80 19.80
N LEU A 281 -1.20 -4.69 20.32
CA LEU A 281 -2.02 -3.52 20.62
C LEU A 281 -1.44 -2.24 20.04
N GLN A 282 -0.87 -2.34 18.85
CA GLN A 282 -0.27 -1.20 18.18
C GLN A 282 -1.29 -0.21 17.67
N TYR A 283 -0.98 1.08 17.85
CA TYR A 283 -1.84 2.15 17.40
C TYR A 283 -3.28 1.97 17.83
N ASN A 284 -3.54 2.15 19.11
CA ASN A 284 -4.89 2.00 19.66
C ASN A 284 -5.27 3.16 20.57
N GLU A 285 -4.49 4.23 20.51
CA GLU A 285 -4.74 5.42 21.33
C GLU A 285 -4.68 5.09 22.81
N ILE A 286 -3.94 4.04 23.14
CA ILE A 286 -3.78 3.61 24.52
C ILE A 286 -2.88 4.57 25.31
N GLU A 287 -3.32 4.89 26.52
CA GLU A 287 -2.58 5.79 27.38
C GLU A 287 -1.92 5.11 28.57
N LEU A 288 -0.92 5.78 29.15
CA LEU A 288 -0.14 5.29 30.28
C LEU A 288 -0.84 4.48 31.36
N ASP A 289 -1.95 5.00 31.88
CA ASP A 289 -2.64 4.29 32.95
C ASP A 289 -2.99 2.83 32.69
N ALA A 290 -3.48 2.52 31.50
CA ALA A 290 -3.83 1.14 31.18
C ALA A 290 -2.58 0.29 31.01
N VAL A 291 -1.51 0.92 30.52
CA VAL A 291 -0.24 0.23 30.32
C VAL A 291 0.35 -0.16 31.67
N ARG A 292 0.10 0.66 32.68
CA ARG A 292 0.58 0.38 34.03
C ARG A 292 -0.21 -0.80 34.58
N THR A 293 -1.52 -0.80 34.30
CA THR A 293 -2.42 -1.87 34.73
C THR A 293 -2.05 -3.15 33.99
N LEU A 294 -1.77 -2.99 32.69
CA LEU A 294 -1.39 -4.10 31.85
C LEU A 294 -0.11 -4.68 32.43
N LYS A 295 0.83 -3.80 32.71
CA LYS A 295 2.12 -4.17 33.29
C LYS A 295 1.90 -5.22 34.38
N THR A 296 1.07 -4.88 35.36
CA THR A 296 0.76 -5.77 36.46
C THR A 296 0.10 -7.07 35.97
N VAL A 297 -0.92 -6.93 35.12
CA VAL A 297 -1.63 -8.09 34.57
C VAL A 297 -0.67 -9.07 33.89
N ILE A 298 0.27 -8.55 33.10
CA ILE A 298 1.24 -9.42 32.42
C ILE A 298 2.10 -10.15 33.44
N ASP A 299 2.60 -9.38 34.40
CA ASP A 299 3.46 -9.92 35.45
C ASP A 299 2.75 -11.00 36.27
N GLU A 300 1.52 -10.72 36.71
CA GLU A 300 0.77 -11.66 37.54
C GLU A 300 -0.16 -12.64 36.83
N LYS A 301 -0.79 -12.20 35.76
CA LYS A 301 -1.76 -13.04 35.06
C LYS A 301 -1.48 -13.61 33.67
N MET A 302 -0.27 -13.39 33.13
CA MET A 302 0.08 -13.91 31.80
C MET A 302 1.48 -14.46 31.78
N PRO A 303 1.68 -15.64 32.40
CA PRO A 303 2.96 -16.33 32.49
C PRO A 303 3.56 -16.88 31.20
N ASP A 304 2.77 -16.94 30.13
CA ASP A 304 3.26 -17.48 28.87
C ASP A 304 3.48 -16.43 27.79
N LEU A 305 3.25 -15.17 28.10
CA LEU A 305 3.43 -14.11 27.11
C LEU A 305 4.84 -14.14 26.55
N LEU A 306 4.96 -13.90 25.25
CA LEU A 306 6.25 -13.91 24.54
C LEU A 306 6.41 -12.65 23.69
N PHE A 307 5.29 -12.12 23.23
CA PHE A 307 5.29 -10.95 22.38
C PHE A 307 4.25 -9.89 22.77
N LEU A 308 4.71 -8.67 22.90
CA LEU A 308 3.85 -7.56 23.25
C LEU A 308 4.15 -6.39 22.32
N GLU A 309 3.11 -5.86 21.70
CA GLU A 309 3.24 -4.73 20.77
C GLU A 309 2.47 -3.50 21.25
N LEU A 310 3.20 -2.45 21.59
CA LEU A 310 2.58 -1.22 22.07
C LEU A 310 2.98 0.03 21.29
N ASN A 311 3.76 -0.14 20.23
CA ASN A 311 4.19 1.01 19.43
C ASN A 311 3.03 1.76 18.80
N GLY A 312 3.17 3.08 18.70
CA GLY A 312 2.14 3.90 18.09
C GLY A 312 1.07 4.40 19.05
N ASN A 313 1.18 4.05 20.33
CA ASN A 313 0.18 4.46 21.32
C ASN A 313 0.47 5.81 21.98
N ARG A 314 -0.42 6.23 22.88
CA ARG A 314 -0.32 7.53 23.57
C ARG A 314 0.42 7.63 24.90
N PHE A 315 1.59 7.00 24.98
CA PHE A 315 2.42 7.07 26.18
C PHE A 315 3.83 7.07 25.60
N SER A 316 4.84 7.43 26.38
CA SER A 316 6.19 7.46 25.83
C SER A 316 7.06 6.28 26.27
N GLU A 317 7.97 5.89 25.37
CA GLU A 317 8.89 4.79 25.65
C GLU A 317 9.65 5.09 26.95
N GLU A 318 9.80 6.38 27.24
CA GLU A 318 10.50 6.80 28.44
C GLU A 318 9.71 6.71 29.74
N ASP A 319 8.45 6.30 29.68
CA ASP A 319 7.67 6.19 30.92
C ASP A 319 8.21 5.00 31.71
N ASP A 320 8.21 5.12 33.03
CA ASP A 320 8.76 4.09 33.88
C ASP A 320 8.11 2.71 33.75
N VAL A 321 6.87 2.65 33.28
CA VAL A 321 6.20 1.37 33.12
C VAL A 321 6.95 0.51 32.10
N VAL A 322 7.46 1.15 31.05
CA VAL A 322 8.19 0.48 29.98
C VAL A 322 9.36 -0.36 30.51
N ASP A 323 10.21 0.24 31.34
CA ASP A 323 11.33 -0.49 31.89
C ASP A 323 10.85 -1.56 32.88
N GLU A 324 9.66 -1.34 33.45
CA GLU A 324 9.07 -2.29 34.38
C GLU A 324 8.72 -3.54 33.58
N ILE A 325 8.01 -3.35 32.48
CA ILE A 325 7.63 -4.44 31.62
C ILE A 325 8.86 -5.20 31.19
N ARG A 326 9.83 -4.47 30.65
CA ARG A 326 11.08 -5.05 30.19
C ARG A 326 11.74 -5.93 31.23
N GLU A 327 11.59 -5.54 32.49
CA GLU A 327 12.16 -6.27 33.61
C GLU A 327 11.41 -7.54 33.93
N VAL A 328 10.13 -7.57 33.61
CA VAL A 328 9.33 -8.76 33.86
C VAL A 328 9.90 -9.83 32.94
N PHE A 329 10.15 -9.44 31.70
CA PHE A 329 10.71 -10.34 30.72
C PHE A 329 12.11 -10.78 31.14
N SER A 330 12.96 -9.82 31.49
CA SER A 330 14.33 -10.13 31.90
C SER A 330 14.38 -11.12 33.05
N THR A 331 13.67 -10.82 34.12
CA THR A 331 13.65 -11.71 35.27
C THR A 331 13.20 -13.10 34.87
N ARG A 332 12.14 -13.17 34.08
CA ARG A 332 11.58 -14.43 33.60
C ARG A 332 12.50 -15.11 32.58
N GLY A 333 13.26 -14.31 31.84
CA GLY A 333 14.13 -14.88 30.82
C GLY A 333 13.34 -15.24 29.57
N ARG A 334 12.11 -14.77 29.51
CA ARG A 334 11.21 -15.04 28.39
C ARG A 334 10.27 -13.87 28.10
N GLY A 335 10.04 -13.60 26.82
CA GLY A 335 9.15 -12.50 26.43
C GLY A 335 9.85 -11.24 25.94
N GLU A 336 9.19 -10.50 25.06
CA GLU A 336 9.79 -9.27 24.56
C GLU A 336 8.78 -8.22 24.17
N LEU A 337 9.18 -6.97 24.32
CA LEU A 337 8.37 -5.81 23.99
C LEU A 337 8.87 -5.33 22.64
N ASP A 338 8.00 -4.71 21.86
CA ASP A 338 8.41 -4.20 20.55
C ASP A 338 9.10 -2.84 20.73
N GLU A 339 9.69 -2.34 19.65
CA GLU A 339 10.39 -1.05 19.71
C GLU A 339 9.36 0.07 19.65
N LEU A 340 9.34 0.91 20.67
CA LEU A 340 8.41 2.04 20.73
C LEU A 340 9.00 3.30 20.11
N ASP A 341 9.30 3.26 18.82
CA ASP A 341 9.89 4.41 18.15
C ASP A 341 8.91 5.40 17.52
N ASP A 342 7.62 5.05 17.48
CA ASP A 342 6.63 5.96 16.87
C ASP A 342 5.39 6.22 17.74
N MET A 343 5.62 6.68 18.97
CA MET A 343 4.56 6.96 19.92
C MET A 343 3.84 8.29 19.63
N GLU A 344 2.70 8.48 20.27
CA GLU A 344 1.90 9.69 20.07
C GLU A 344 2.01 10.71 21.20
N GLU A 345 2.22 10.31 22.37
N ALA B 2 27.89 8.38 -22.96
CA ALA B 2 27.46 6.94 -22.99
C ALA B 2 26.59 6.61 -21.79
N ARG B 3 26.16 5.35 -21.72
CA ARG B 3 25.31 4.89 -20.63
C ARG B 3 26.05 3.79 -19.87
N PHE B 4 25.69 3.63 -18.59
CA PHE B 4 26.27 2.60 -17.72
C PHE B 4 25.19 2.19 -16.74
N SER B 5 24.93 0.89 -16.65
CA SER B 5 23.90 0.41 -15.74
C SER B 5 24.22 -0.94 -15.11
N ILE B 6 23.57 -1.22 -14.00
CA ILE B 6 23.70 -2.46 -13.26
C ILE B 6 22.37 -2.59 -12.54
N GLU B 7 21.42 -1.79 -13.01
CA GLU B 7 20.06 -1.73 -12.48
C GLU B 7 19.36 -3.10 -12.51
N GLY B 8 18.60 -3.39 -11.46
CA GLY B 8 17.88 -4.65 -11.40
C GLY B 8 18.75 -5.88 -11.18
N LYS B 9 20.05 -5.69 -10.97
CA LYS B 9 20.95 -6.81 -10.75
C LYS B 9 21.01 -7.19 -9.28
N SER B 10 20.21 -6.51 -8.47
CA SER B 10 20.15 -6.76 -7.03
C SER B 10 21.50 -7.21 -6.46
N LEU B 11 22.55 -6.45 -6.74
CA LEU B 11 23.88 -6.77 -6.26
C LEU B 11 24.12 -6.25 -4.84
N LYS B 12 24.28 -7.18 -3.90
CA LYS B 12 24.54 -6.82 -2.51
C LYS B 12 26.01 -6.38 -2.47
N LEU B 13 26.23 -5.08 -2.27
CA LEU B 13 27.58 -4.54 -2.23
C LEU B 13 27.92 -3.80 -0.94
N ASP B 14 28.96 -4.27 -0.25
CA ASP B 14 29.42 -3.62 0.98
C ASP B 14 30.69 -2.90 0.55
N ALA B 15 31.20 -3.33 -0.61
CA ALA B 15 32.41 -2.79 -1.21
C ALA B 15 32.64 -3.52 -2.53
N ILE B 16 33.26 -2.82 -3.48
CA ILE B 16 33.54 -3.42 -4.79
C ILE B 16 34.85 -4.18 -4.72
N THR B 17 34.73 -5.52 -4.68
CA THR B 17 35.88 -6.43 -4.56
C THR B 17 37.09 -6.18 -5.47
N THR B 18 37.54 -7.23 -6.13
CA THR B 18 38.71 -7.15 -7.00
C THR B 18 38.39 -7.45 -8.45
N GLU B 19 37.81 -8.62 -8.70
CA GLU B 19 37.48 -9.01 -10.07
C GLU B 19 36.21 -8.33 -10.57
N ASP B 20 35.27 -8.05 -9.67
CA ASP B 20 34.03 -7.39 -10.06
C ASP B 20 34.26 -5.95 -10.47
N GLU B 21 35.38 -5.37 -10.03
CA GLU B 21 35.69 -3.99 -10.38
C GLU B 21 36.08 -3.95 -11.85
N LYS B 22 36.60 -5.07 -12.34
CA LYS B 22 37.01 -5.18 -13.73
C LYS B 22 36.26 -6.29 -14.43
N SER B 23 34.97 -6.37 -14.16
CA SER B 23 34.09 -7.38 -14.76
C SER B 23 32.68 -6.81 -14.76
N VAL B 24 32.42 -5.89 -13.83
CA VAL B 24 31.13 -5.24 -13.69
C VAL B 24 31.27 -3.73 -13.86
N PHE B 25 32.25 -3.15 -13.16
CA PHE B 25 32.46 -1.71 -13.24
C PHE B 25 33.67 -1.36 -14.09
N ALA B 26 33.98 -2.22 -15.06
CA ALA B 26 35.10 -1.97 -15.95
C ALA B 26 34.75 -0.85 -16.91
N VAL B 27 33.53 -0.33 -16.77
CA VAL B 27 33.08 0.76 -17.63
C VAL B 27 33.43 2.10 -16.99
N LEU B 28 33.28 2.18 -15.67
CA LEU B 28 33.61 3.40 -14.96
C LEU B 28 35.12 3.53 -14.96
N LEU B 29 35.77 2.49 -15.47
CA LEU B 29 37.22 2.44 -15.56
C LEU B 29 37.66 2.45 -17.02
N GLU B 30 36.71 2.66 -17.93
CA GLU B 30 37.03 2.65 -19.34
C GLU B 30 36.82 3.98 -20.05
N ASP B 31 35.62 4.55 -19.94
CA ASP B 31 35.34 5.81 -20.61
C ASP B 31 34.63 6.84 -19.74
N ASP B 32 35.29 7.98 -19.54
CA ASP B 32 34.71 9.04 -18.73
C ASP B 32 33.86 9.93 -19.62
N SER B 33 33.39 9.37 -20.73
CA SER B 33 32.54 10.10 -21.67
C SER B 33 31.12 9.78 -21.25
N VAL B 34 31.00 8.87 -20.29
CA VAL B 34 29.71 8.46 -19.75
C VAL B 34 28.86 9.70 -19.45
N LYS B 35 27.56 9.58 -19.67
CA LYS B 35 26.65 10.70 -19.44
C LYS B 35 25.55 10.27 -18.48
N GLU B 36 25.28 8.97 -18.46
CA GLU B 36 24.25 8.43 -17.60
C GLU B 36 24.80 7.26 -16.79
N ILE B 37 24.45 7.23 -15.50
CA ILE B 37 24.88 6.16 -14.61
C ILE B 37 23.68 5.72 -13.78
N VAL B 38 23.36 4.44 -13.85
CA VAL B 38 22.23 3.90 -13.12
C VAL B 38 22.69 2.80 -12.17
N LEU B 39 22.46 3.01 -10.87
CA LEU B 39 22.87 2.05 -9.86
C LEU B 39 21.64 1.50 -9.15
N SER B 40 20.46 1.91 -9.62
CA SER B 40 19.20 1.49 -9.03
C SER B 40 19.03 -0.03 -8.96
N GLY B 41 18.13 -0.49 -8.09
CA GLY B 41 17.88 -1.90 -7.95
C GLY B 41 19.08 -2.67 -7.47
N ASN B 42 19.85 -2.03 -6.59
CA ASN B 42 21.05 -2.63 -6.01
C ASN B 42 21.22 -2.07 -4.61
N THR B 43 22.19 -2.61 -3.87
CA THR B 43 22.45 -2.16 -2.50
C THR B 43 23.90 -1.71 -2.45
N ILE B 44 24.12 -0.42 -2.26
CA ILE B 44 25.47 0.12 -2.21
C ILE B 44 25.91 0.45 -0.79
N GLY B 45 26.93 -0.28 -0.32
CA GLY B 45 27.46 -0.08 1.02
C GLY B 45 28.54 0.97 1.06
N THR B 46 28.97 1.34 2.27
CA THR B 46 29.99 2.36 2.49
C THR B 46 31.21 2.34 1.58
N GLU B 47 31.97 1.25 1.60
CA GLU B 47 33.18 1.15 0.78
C GLU B 47 32.91 1.07 -0.72
N ALA B 48 31.76 0.55 -1.09
CA ALA B 48 31.41 0.45 -2.50
C ALA B 48 31.18 1.87 -3.04
N ALA B 49 30.58 2.70 -2.20
CA ALA B 49 30.28 4.09 -2.54
C ALA B 49 31.56 4.91 -2.65
N ARG B 50 32.56 4.53 -1.86
CA ARG B 50 33.84 5.23 -1.88
C ARG B 50 34.56 4.93 -3.18
N TRP B 51 34.55 3.66 -3.56
CA TRP B 51 35.18 3.21 -4.79
C TRP B 51 34.57 3.94 -5.99
N LEU B 52 33.23 3.97 -6.02
CA LEU B 52 32.49 4.63 -7.09
C LEU B 52 32.75 6.11 -7.09
N SER B 53 32.77 6.71 -5.91
CA SER B 53 33.04 8.14 -5.77
C SER B 53 34.21 8.49 -6.67
N GLU B 54 35.29 7.73 -6.49
CA GLU B 54 36.50 7.92 -7.27
C GLU B 54 36.24 8.01 -8.78
N ASN B 55 35.51 7.04 -9.30
CA ASN B 55 35.23 7.00 -10.72
C ASN B 55 34.04 7.84 -11.19
N ILE B 56 33.15 8.20 -10.28
CA ILE B 56 32.00 9.01 -10.66
C ILE B 56 32.43 10.44 -10.93
N ALA B 57 33.21 11.01 -10.02
CA ALA B 57 33.69 12.38 -10.15
C ALA B 57 34.52 12.59 -11.42
N SER B 58 35.14 11.52 -11.91
CA SER B 58 35.97 11.61 -13.11
C SER B 58 35.14 11.76 -14.39
N LYS B 59 33.90 11.29 -14.35
CA LYS B 59 33.00 11.37 -15.50
C LYS B 59 32.45 12.80 -15.64
N LYS B 60 33.23 13.67 -16.26
CA LYS B 60 32.87 15.08 -16.44
C LYS B 60 31.71 15.37 -17.38
N ASP B 61 31.22 14.35 -18.07
CA ASP B 61 30.09 14.56 -18.99
C ASP B 61 28.83 13.96 -18.42
N LEU B 62 28.88 13.59 -17.14
CA LEU B 62 27.74 13.02 -16.47
C LEU B 62 26.63 14.07 -16.50
N GLU B 63 25.43 13.65 -16.91
CA GLU B 63 24.29 14.56 -16.97
C GLU B 63 23.17 13.99 -16.14
N ILE B 64 23.14 12.66 -16.08
CA ILE B 64 22.11 11.96 -15.34
C ILE B 64 22.67 10.99 -14.31
N ALA B 65 22.15 11.09 -13.08
CA ALA B 65 22.59 10.20 -12.01
C ALA B 65 21.35 9.53 -11.45
N GLU B 66 21.08 8.32 -11.89
CA GLU B 66 19.93 7.57 -11.42
C GLU B 66 20.32 6.77 -10.19
N PHE B 67 20.20 7.40 -9.02
CA PHE B 67 20.57 6.75 -7.77
C PHE B 67 19.35 6.40 -6.92
N SER B 68 18.27 6.00 -7.59
CA SER B 68 17.07 5.61 -6.87
C SER B 68 17.26 4.15 -6.44
N ASP B 69 16.68 3.78 -5.30
CA ASP B 69 16.79 2.42 -4.79
C ASP B 69 18.22 1.88 -4.87
N ILE B 70 19.06 2.32 -3.94
CA ILE B 70 20.45 1.86 -3.89
C ILE B 70 20.85 1.58 -2.45
N PHE B 71 19.88 1.60 -1.55
CA PHE B 71 20.14 1.38 -0.13
C PHE B 71 19.22 0.35 0.54
N THR B 72 18.76 -0.63 -0.25
CA THR B 72 17.88 -1.67 0.27
C THR B 72 18.60 -2.62 1.22
N GLY B 73 18.04 -2.79 2.42
CA GLY B 73 18.64 -3.67 3.41
C GLY B 73 19.49 -2.92 4.42
N ARG B 74 20.07 -1.80 4.00
CA ARG B 74 20.91 -0.98 4.87
C ARG B 74 20.01 -0.24 5.85
N VAL B 75 20.40 -0.21 7.12
CA VAL B 75 19.59 0.47 8.12
C VAL B 75 19.76 1.99 7.99
N LYS B 76 18.65 2.69 8.23
CA LYS B 76 18.57 4.14 8.12
C LYS B 76 19.79 4.92 8.61
N ASP B 77 20.22 4.64 9.84
CA ASP B 77 21.36 5.33 10.43
C ASP B 77 22.74 4.95 9.88
N GLU B 78 22.79 4.04 8.91
CA GLU B 78 24.07 3.62 8.34
C GLU B 78 24.23 4.11 6.91
N ILE B 79 23.19 4.74 6.39
CA ILE B 79 23.19 5.25 5.02
C ILE B 79 23.98 6.54 4.75
N PRO B 80 23.90 7.53 5.66
CA PRO B 80 24.60 8.82 5.55
C PRO B 80 26.00 8.83 4.92
N GLU B 81 26.84 7.87 5.31
CA GLU B 81 28.20 7.81 4.79
C GLU B 81 28.29 7.52 3.30
N ALA B 82 27.55 6.51 2.85
CA ALA B 82 27.53 6.16 1.44
C ALA B 82 26.86 7.28 0.66
N LEU B 83 25.90 7.95 1.30
CA LEU B 83 25.17 9.07 0.67
C LEU B 83 26.05 10.29 0.50
N ARG B 84 26.94 10.54 1.48
CA ARG B 84 27.84 11.67 1.41
C ARG B 84 28.90 11.44 0.32
N LEU B 85 29.52 10.26 0.34
CA LEU B 85 30.55 9.91 -0.65
C LEU B 85 30.07 10.00 -2.10
N LEU B 86 28.83 9.59 -2.35
CA LEU B 86 28.26 9.64 -3.69
C LEU B 86 27.90 11.07 -4.11
N LEU B 87 27.19 11.77 -3.24
CA LEU B 87 26.77 13.15 -3.51
C LEU B 87 27.96 14.08 -3.72
N GLN B 88 28.99 13.95 -2.90
CA GLN B 88 30.18 14.79 -3.03
C GLN B 88 30.80 14.58 -4.42
N ALA B 89 30.69 13.37 -4.94
CA ALA B 89 31.23 13.02 -6.26
C ALA B 89 30.39 13.64 -7.36
N LEU B 90 29.07 13.64 -7.17
CA LEU B 90 28.17 14.23 -8.17
C LEU B 90 28.40 15.73 -8.28
N LEU B 91 28.76 16.36 -7.16
CA LEU B 91 28.99 17.80 -7.13
C LEU B 91 30.19 18.21 -7.98
N LYS B 92 30.96 17.22 -8.45
CA LYS B 92 32.13 17.49 -9.27
C LYS B 92 31.83 17.30 -10.76
N CYS B 93 30.56 17.01 -11.06
CA CYS B 93 30.08 16.82 -12.43
C CYS B 93 29.25 18.05 -12.78
N PRO B 94 29.85 18.96 -13.56
CA PRO B 94 29.29 20.24 -14.05
C PRO B 94 28.07 20.11 -14.95
N LYS B 95 28.01 19.03 -15.71
CA LYS B 95 26.90 18.81 -16.63
C LYS B 95 25.81 17.93 -16.04
N LEU B 96 25.91 17.64 -14.75
CA LEU B 96 24.92 16.81 -14.10
C LEU B 96 23.65 17.63 -13.89
N HIS B 97 22.67 17.44 -14.76
CA HIS B 97 21.41 18.19 -14.69
C HIS B 97 20.26 17.40 -14.09
N THR B 98 20.34 16.08 -14.10
CA THR B 98 19.27 15.25 -13.55
C THR B 98 19.76 14.30 -12.47
N VAL B 99 19.13 14.41 -11.29
CA VAL B 99 19.49 13.58 -10.15
C VAL B 99 18.28 12.91 -9.53
N ARG B 100 18.30 11.58 -9.53
CA ARG B 100 17.21 10.82 -8.95
C ARG B 100 17.71 10.11 -7.71
N LEU B 101 17.05 10.37 -6.57
CA LEU B 101 17.45 9.75 -5.31
C LEU B 101 16.24 9.13 -4.60
N SER B 102 15.22 8.79 -5.38
CA SER B 102 14.00 8.20 -4.85
C SER B 102 14.20 6.84 -4.19
N ASP B 103 13.19 6.42 -3.45
CA ASP B 103 13.19 5.14 -2.77
C ASP B 103 14.50 4.85 -2.05
N ASN B 104 14.87 5.76 -1.15
CA ASN B 104 16.07 5.65 -0.31
C ASN B 104 15.67 6.32 0.99
N ALA B 105 15.77 5.59 2.10
CA ALA B 105 15.38 6.13 3.40
C ALA B 105 16.41 7.10 3.96
N PHE B 106 16.02 8.36 4.04
CA PHE B 106 16.91 9.38 4.56
C PHE B 106 16.46 9.88 5.91
N GLY B 107 16.93 9.21 6.96
CA GLY B 107 16.58 9.60 8.30
C GLY B 107 17.21 10.94 8.64
N PRO B 108 17.10 11.36 9.91
CA PRO B 108 17.66 12.63 10.42
C PRO B 108 19.13 12.86 10.06
N THR B 109 19.92 11.79 10.12
CA THR B 109 21.35 11.87 9.85
C THR B 109 21.75 11.80 8.38
N ALA B 110 20.77 11.74 7.49
CA ALA B 110 21.04 11.70 6.06
C ALA B 110 20.82 13.08 5.46
N GLN B 111 20.29 13.98 6.27
CA GLN B 111 19.98 15.33 5.81
C GLN B 111 21.20 16.19 5.51
N GLU B 112 22.17 16.19 6.41
CA GLU B 112 23.40 16.96 6.22
C GLU B 112 24.01 16.74 4.84
N PRO B 113 24.18 15.47 4.42
CA PRO B 113 24.75 15.13 3.10
C PRO B 113 23.85 15.56 1.96
N LEU B 114 22.54 15.59 2.23
CA LEU B 114 21.54 15.97 1.23
C LEU B 114 21.49 17.48 1.01
N ILE B 115 21.28 18.25 2.08
CA ILE B 115 21.18 19.69 1.96
C ILE B 115 22.49 20.33 1.49
N ASP B 116 23.60 19.67 1.79
CA ASP B 116 24.92 20.13 1.39
C ASP B 116 25.11 20.01 -0.13
N PHE B 117 24.49 19.00 -0.72
CA PHE B 117 24.58 18.80 -2.15
C PHE B 117 23.51 19.64 -2.85
N LEU B 118 22.29 19.59 -2.32
CA LEU B 118 21.16 20.32 -2.89
C LEU B 118 21.30 21.85 -2.90
N SER B 119 22.08 22.39 -1.98
CA SER B 119 22.27 23.83 -1.93
C SER B 119 23.41 24.33 -2.83
N LYS B 120 24.28 23.42 -3.24
CA LYS B 120 25.42 23.80 -4.06
C LYS B 120 25.46 23.26 -5.48
N HIS B 121 24.60 22.30 -5.81
CA HIS B 121 24.63 21.76 -7.15
C HIS B 121 23.82 22.63 -8.11
N THR B 122 24.46 23.71 -8.56
CA THR B 122 23.87 24.67 -9.49
C THR B 122 23.48 24.08 -10.84
N PRO B 123 24.19 23.02 -11.31
CA PRO B 123 23.77 22.48 -12.62
C PRO B 123 22.40 21.81 -12.56
N LEU B 124 21.96 21.47 -11.36
CA LEU B 124 20.67 20.79 -11.15
C LEU B 124 19.48 21.41 -11.89
N GLU B 125 18.70 20.56 -12.55
CA GLU B 125 17.53 21.03 -13.28
C GLU B 125 16.30 20.19 -12.97
N HIS B 126 16.52 18.90 -12.75
CA HIS B 126 15.44 17.97 -12.48
C HIS B 126 15.77 17.20 -11.21
N LEU B 127 14.93 17.36 -10.19
CA LEU B 127 15.13 16.71 -8.93
C LEU B 127 14.06 15.68 -8.62
N TYR B 128 14.49 14.47 -8.28
CA TYR B 128 13.57 13.38 -7.94
C TYR B 128 13.90 12.84 -6.55
N LEU B 129 13.16 13.29 -5.54
CA LEU B 129 13.37 12.87 -4.16
C LEU B 129 12.05 12.38 -3.57
N HIS B 130 11.47 11.40 -4.24
CA HIS B 130 10.19 10.81 -3.87
C HIS B 130 10.35 9.51 -3.04
N ASN B 131 9.49 9.35 -2.04
CA ASN B 131 9.48 8.17 -1.17
C ASN B 131 10.79 7.94 -0.39
N ASN B 132 11.03 8.78 0.62
CA ASN B 132 12.25 8.70 1.42
C ASN B 132 12.00 8.83 2.91
N GLY B 133 10.74 8.82 3.33
CA GLY B 133 10.42 8.96 4.75
C GLY B 133 10.99 10.19 5.42
N LEU B 134 11.08 11.30 4.67
CA LEU B 134 11.64 12.53 5.21
C LEU B 134 10.95 13.00 6.49
N GLY B 135 9.66 13.29 6.38
CA GLY B 135 8.92 13.76 7.53
C GLY B 135 8.94 15.28 7.50
N PRO B 136 8.06 15.94 8.27
CA PRO B 136 7.97 17.40 8.34
C PRO B 136 9.28 18.17 8.53
N GLN B 137 10.06 17.81 9.54
CA GLN B 137 11.30 18.52 9.80
C GLN B 137 12.37 18.40 8.73
N ALA B 138 12.77 17.18 8.38
CA ALA B 138 13.77 17.02 7.34
C ALA B 138 13.23 17.57 6.02
N GLY B 139 11.90 17.72 5.94
CA GLY B 139 11.27 18.24 4.74
C GLY B 139 11.51 19.73 4.54
N ALA B 140 11.44 20.49 5.63
CA ALA B 140 11.65 21.92 5.57
C ALA B 140 13.14 22.21 5.41
N LYS B 141 13.96 21.21 5.73
CA LYS B 141 15.42 21.31 5.60
C LYS B 141 15.84 21.17 4.15
N ILE B 142 15.10 20.35 3.42
CA ILE B 142 15.37 20.12 2.01
C ILE B 142 14.90 21.35 1.23
N ALA B 143 13.75 21.89 1.61
CA ALA B 143 13.19 23.08 0.98
C ALA B 143 14.07 24.30 1.29
N ARG B 144 14.60 24.34 2.51
CA ARG B 144 15.46 25.44 2.89
C ARG B 144 16.72 25.42 2.03
N ALA B 145 17.31 24.24 1.86
CA ALA B 145 18.52 24.09 1.04
C ALA B 145 18.27 24.44 -0.42
N LEU B 146 17.09 24.09 -0.93
CA LEU B 146 16.75 24.39 -2.32
C LEU B 146 16.61 25.90 -2.55
N GLN B 147 16.31 26.63 -1.49
CA GLN B 147 16.18 28.07 -1.57
C GLN B 147 17.57 28.65 -1.77
N GLU B 148 18.53 28.13 -1.02
CA GLU B 148 19.92 28.57 -1.13
C GLU B 148 20.43 28.20 -2.52
N LEU B 149 19.92 27.09 -3.07
CA LEU B 149 20.32 26.65 -4.41
C LEU B 149 20.06 27.73 -5.44
N ALA B 150 18.90 28.39 -5.30
CA ALA B 150 18.51 29.47 -6.20
C ALA B 150 19.52 30.61 -6.09
N VAL B 151 19.95 30.90 -4.86
CA VAL B 151 20.93 31.96 -4.63
C VAL B 151 22.21 31.70 -5.41
N ASN B 152 22.73 30.48 -5.31
CA ASN B 152 23.96 30.13 -6.02
C ASN B 152 23.80 30.06 -7.54
N LYS B 153 22.62 29.65 -8.00
CA LYS B 153 22.35 29.55 -9.43
C LYS B 153 22.36 30.95 -10.00
N LYS B 154 21.73 31.88 -9.30
CA LYS B 154 21.70 33.27 -9.75
C LYS B 154 23.14 33.74 -9.79
N ALA B 155 23.79 33.70 -8.64
CA ALA B 155 25.17 34.11 -8.51
C ALA B 155 26.07 33.48 -9.56
N LYS B 156 25.76 32.27 -9.99
CA LYS B 156 26.60 31.59 -10.97
C LYS B 156 26.07 31.56 -12.40
N ASN B 157 24.93 32.18 -12.64
CA ASN B 157 24.35 32.20 -13.97
C ASN B 157 24.09 30.77 -14.43
N ALA B 158 23.67 29.93 -13.50
CA ALA B 158 23.38 28.53 -13.77
C ALA B 158 21.97 28.40 -14.31
N PRO B 159 21.67 27.32 -15.05
CA PRO B 159 20.32 27.16 -15.59
C PRO B 159 19.31 26.98 -14.45
N PRO B 160 18.02 27.25 -14.72
CA PRO B 160 16.98 27.11 -13.70
C PRO B 160 16.53 25.68 -13.45
N LEU B 161 16.09 25.43 -12.23
CA LEU B 161 15.56 24.13 -11.84
C LEU B 161 14.24 24.07 -12.59
N ARG B 162 13.91 22.94 -13.21
CA ARG B 162 12.64 22.86 -13.93
C ARG B 162 11.73 21.76 -13.39
N SER B 163 12.30 20.80 -12.68
CA SER B 163 11.49 19.71 -12.14
C SER B 163 11.74 19.35 -10.68
N ILE B 164 10.66 19.37 -9.89
CA ILE B 164 10.74 18.98 -8.50
C ILE B 164 9.71 17.89 -8.22
N ILE B 165 10.17 16.68 -7.99
CA ILE B 165 9.27 15.58 -7.68
C ILE B 165 9.63 15.08 -6.28
N CYS B 166 8.91 15.59 -5.28
CA CYS B 166 9.13 15.20 -3.90
C CYS B 166 7.79 14.80 -3.32
N GLY B 167 7.56 13.49 -3.25
CA GLY B 167 6.31 12.96 -2.73
C GLY B 167 6.57 11.83 -1.75
N ARG B 168 5.50 11.30 -1.16
CA ARG B 168 5.61 10.20 -0.18
C ARG B 168 6.78 10.43 0.78
N ASN B 169 6.82 11.61 1.38
CA ASN B 169 7.88 11.97 2.32
C ASN B 169 7.32 12.72 3.52
N ARG B 170 6.06 12.45 3.83
CA ARG B 170 5.38 13.09 4.94
C ARG B 170 5.82 14.54 5.12
N LEU B 171 5.73 15.33 4.05
CA LEU B 171 6.09 16.75 4.11
C LEU B 171 5.15 17.42 5.09
N GLU B 172 3.86 17.10 4.95
CA GLU B 172 2.82 17.63 5.83
C GLU B 172 2.78 19.14 5.91
N ASN B 173 1.83 19.64 6.70
CA ASN B 173 1.67 21.08 6.89
C ASN B 173 2.94 21.67 7.48
N GLY B 174 3.55 20.91 8.39
CA GLY B 174 4.76 21.35 9.05
C GLY B 174 5.81 22.03 8.21
N SER B 175 6.12 21.49 7.04
CA SER B 175 7.14 22.08 6.17
C SER B 175 6.56 22.81 4.97
N MET B 176 5.33 23.27 5.10
CA MET B 176 4.70 23.97 3.99
C MET B 176 5.15 25.44 3.91
N LYS B 177 5.31 26.08 5.06
CA LYS B 177 5.78 27.47 5.09
C LYS B 177 7.11 27.61 4.37
N GLU B 178 7.98 26.63 4.56
CA GLU B 178 9.29 26.61 3.96
C GLU B 178 9.25 26.32 2.46
N TRP B 179 8.64 25.19 2.09
CA TRP B 179 8.53 24.83 0.68
C TRP B 179 7.92 25.94 -0.14
N ALA B 180 7.07 26.75 0.48
CA ALA B 180 6.42 27.86 -0.19
C ALA B 180 7.46 28.92 -0.55
N LYS B 181 8.49 29.02 0.29
CA LYS B 181 9.57 29.98 0.03
C LYS B 181 10.48 29.40 -1.03
N THR B 182 10.50 28.08 -1.11
CA THR B 182 11.30 27.36 -2.08
C THR B 182 10.73 27.58 -3.47
N PHE B 183 9.42 27.80 -3.53
CA PHE B 183 8.77 28.01 -4.81
C PHE B 183 8.88 29.47 -5.26
N GLN B 184 9.14 30.38 -4.33
CA GLN B 184 9.29 31.77 -4.66
C GLN B 184 10.70 31.93 -5.21
N SER B 185 11.58 31.02 -4.77
CA SER B 185 12.98 30.98 -5.18
C SER B 185 13.11 30.48 -6.60
N HIS B 186 12.30 29.48 -6.94
CA HIS B 186 12.33 28.86 -8.25
C HIS B 186 11.03 29.12 -9.02
N ARG B 187 10.94 30.27 -9.66
CA ARG B 187 9.75 30.61 -10.41
C ARG B 187 9.72 30.10 -11.85
N LEU B 188 10.81 29.46 -12.29
CA LEU B 188 10.84 28.96 -13.66
C LEU B 188 10.62 27.45 -13.79
N LEU B 189 10.10 26.83 -12.72
CA LEU B 189 9.83 25.39 -12.72
C LEU B 189 8.70 25.08 -13.69
N HIS B 190 8.70 23.84 -14.20
CA HIS B 190 7.68 23.39 -15.12
C HIS B 190 6.85 22.29 -14.45
N THR B 191 7.54 21.40 -13.71
CA THR B 191 6.88 20.29 -13.05
C THR B 191 7.09 20.22 -11.55
N VAL B 192 6.00 20.05 -10.81
CA VAL B 192 6.05 19.92 -9.36
C VAL B 192 5.06 18.86 -8.93
N LYS B 193 5.57 17.80 -8.31
CA LYS B 193 4.75 16.70 -7.86
C LYS B 193 5.09 16.39 -6.42
N MET B 194 4.11 16.55 -5.55
CA MET B 194 4.29 16.32 -4.13
C MET B 194 3.11 15.50 -3.64
N VAL B 195 2.89 14.38 -4.33
CA VAL B 195 1.79 13.49 -4.02
C VAL B 195 2.04 12.73 -2.72
N GLN B 196 0.95 12.39 -2.03
CA GLN B 196 0.98 11.63 -0.79
C GLN B 196 1.90 12.15 0.32
N ASN B 197 1.84 13.44 0.62
CA ASN B 197 2.71 13.96 1.69
C ASN B 197 1.94 14.34 2.94
N GLY B 198 0.78 13.73 3.15
CA GLY B 198 -0.02 14.00 4.33
C GLY B 198 -0.33 15.47 4.56
N ILE B 199 -0.28 16.28 3.51
CA ILE B 199 -0.57 17.70 3.65
C ILE B 199 -2.07 17.85 3.82
N ARG B 200 -2.47 18.75 4.72
CA ARG B 200 -3.87 19.00 5.01
C ARG B 200 -4.33 20.35 4.43
N PRO B 201 -5.63 20.64 4.49
CA PRO B 201 -6.23 21.88 3.97
C PRO B 201 -5.42 23.16 4.12
N GLU B 202 -4.86 23.40 5.30
CA GLU B 202 -4.09 24.62 5.55
C GLU B 202 -2.72 24.64 4.90
N GLY B 203 -2.06 23.48 4.84
CA GLY B 203 -0.76 23.41 4.19
C GLY B 203 -0.94 23.60 2.70
N ILE B 204 -1.97 22.97 2.15
CA ILE B 204 -2.30 23.07 0.72
C ILE B 204 -2.51 24.53 0.32
N GLU B 205 -3.48 25.16 0.98
CA GLU B 205 -3.81 26.56 0.75
C GLU B 205 -2.59 27.48 0.75
N HIS B 206 -1.69 27.27 1.71
CA HIS B 206 -0.48 28.07 1.84
C HIS B 206 0.46 27.74 0.68
N LEU B 207 0.68 26.44 0.45
CA LEU B 207 1.53 25.97 -0.62
C LEU B 207 1.11 26.56 -1.95
N LEU B 208 -0.20 26.58 -2.19
CA LEU B 208 -0.74 27.14 -3.43
C LEU B 208 -0.59 28.66 -3.49
N LEU B 209 -1.25 29.35 -2.56
CA LEU B 209 -1.25 30.80 -2.49
C LEU B 209 0.09 31.52 -2.26
N GLU B 210 0.94 30.98 -1.39
CA GLU B 210 2.23 31.60 -1.11
C GLU B 210 3.38 31.02 -1.92
N GLY B 211 3.21 29.80 -2.44
CA GLY B 211 4.26 29.16 -3.19
C GLY B 211 4.08 29.04 -4.69
N LEU B 212 3.40 27.98 -5.11
CA LEU B 212 3.18 27.71 -6.52
C LEU B 212 2.58 28.85 -7.38
N ALA B 213 1.72 29.67 -6.78
CA ALA B 213 1.12 30.79 -7.53
C ALA B 213 2.19 31.69 -8.16
N TYR B 214 3.42 31.58 -7.67
CA TYR B 214 4.54 32.38 -8.18
C TYR B 214 5.29 31.71 -9.34
N CYS B 215 4.97 30.44 -9.61
CA CYS B 215 5.59 29.67 -10.68
C CYS B 215 4.71 29.77 -11.93
N GLN B 216 4.94 30.84 -12.69
CA GLN B 216 4.15 31.09 -13.88
C GLN B 216 4.43 30.22 -15.09
N GLU B 217 5.56 29.51 -15.10
CA GLU B 217 5.90 28.62 -16.22
C GLU B 217 5.39 27.21 -15.98
N LEU B 218 4.83 26.97 -14.79
CA LEU B 218 4.31 25.67 -14.39
C LEU B 218 3.44 25.03 -15.47
N LYS B 219 3.75 23.77 -15.77
CA LYS B 219 3.01 23.04 -16.79
C LYS B 219 2.36 21.80 -16.20
N VAL B 220 3.06 21.17 -15.25
CA VAL B 220 2.55 19.97 -14.59
C VAL B 220 2.53 20.15 -13.08
N LEU B 221 1.35 20.00 -12.49
CA LEU B 221 1.20 20.11 -11.04
C LEU B 221 0.40 18.90 -10.56
N ASP B 222 1.00 18.08 -9.70
CA ASP B 222 0.31 16.90 -9.18
C ASP B 222 0.37 16.87 -7.65
N LEU B 223 -0.79 17.01 -7.01
CA LEU B 223 -0.87 16.98 -5.55
C LEU B 223 -1.73 15.78 -5.13
N GLN B 224 -1.59 14.70 -5.89
CA GLN B 224 -2.33 13.46 -5.67
C GLN B 224 -2.24 12.97 -4.22
N ASP B 225 -3.40 12.78 -3.59
CA ASP B 225 -3.51 12.29 -2.22
C ASP B 225 -3.01 13.18 -1.07
N ASN B 226 -3.55 14.39 -1.02
CA ASN B 226 -3.26 15.39 0.02
C ASN B 226 -4.68 15.92 0.26
N THR B 227 -5.01 16.32 1.48
CA THR B 227 -6.37 16.78 1.76
C THR B 227 -6.70 18.26 1.56
N PHE B 228 -7.45 18.53 0.50
CA PHE B 228 -7.83 19.89 0.14
C PHE B 228 -9.03 20.47 0.89
N THR B 229 -10.16 19.78 0.76
CA THR B 229 -11.44 20.23 1.30
C THR B 229 -11.72 21.52 0.52
N HIS B 230 -12.84 22.17 0.80
CA HIS B 230 -13.18 23.40 0.10
C HIS B 230 -12.13 24.46 0.36
N LEU B 231 -11.38 24.30 1.45
CA LEU B 231 -10.33 25.27 1.79
C LEU B 231 -9.19 25.21 0.78
N GLY B 232 -8.81 23.99 0.42
CA GLY B 232 -7.75 23.81 -0.56
C GLY B 232 -8.26 24.18 -1.94
N SER B 233 -9.51 23.82 -2.22
CA SER B 233 -10.14 24.11 -3.49
C SER B 233 -10.18 25.61 -3.76
N SER B 234 -10.53 26.37 -2.73
CA SER B 234 -10.61 27.83 -2.83
C SER B 234 -9.26 28.49 -3.13
N ALA B 235 -8.19 27.95 -2.55
CA ALA B 235 -6.86 28.47 -2.79
C ALA B 235 -6.49 28.13 -4.25
N LEU B 236 -6.77 26.89 -4.64
CA LEU B 236 -6.50 26.43 -6.00
C LEU B 236 -7.27 27.26 -7.01
N ALA B 237 -8.56 27.49 -6.73
CA ALA B 237 -9.40 28.29 -7.62
C ALA B 237 -8.74 29.63 -7.91
N ILE B 238 -8.12 30.21 -6.89
CA ILE B 238 -7.45 31.50 -7.01
C ILE B 238 -6.13 31.43 -7.79
N ALA B 239 -5.37 30.37 -7.54
CA ALA B 239 -4.06 30.16 -8.15
C ALA B 239 -4.04 29.68 -9.60
N LEU B 240 -5.14 29.12 -10.08
CA LEU B 240 -5.21 28.62 -11.45
C LEU B 240 -4.82 29.66 -12.49
N LYS B 241 -5.24 30.90 -12.30
CA LYS B 241 -4.95 31.97 -13.24
C LYS B 241 -3.46 32.30 -13.40
N SER B 242 -2.63 31.78 -12.49
CA SER B 242 -1.20 32.05 -12.56
C SER B 242 -0.44 31.03 -13.42
N TRP B 243 -1.14 30.02 -13.92
CA TRP B 243 -0.50 28.98 -14.74
C TRP B 243 -1.09 28.86 -16.15
N PRO B 244 -0.98 29.93 -16.94
CA PRO B 244 -1.51 29.95 -18.31
C PRO B 244 -1.01 28.78 -19.17
N ASN B 245 0.21 28.31 -18.88
CA ASN B 245 0.83 27.22 -19.62
C ASN B 245 0.62 25.85 -18.98
N LEU B 246 -0.30 25.78 -18.02
CA LEU B 246 -0.58 24.53 -17.34
C LEU B 246 -1.10 23.48 -18.33
N ARG B 247 -0.60 22.26 -18.22
CA ARG B 247 -1.02 21.19 -19.11
C ARG B 247 -1.62 20.02 -18.35
N GLU B 248 -1.07 19.72 -17.17
CA GLU B 248 -1.57 18.62 -16.36
C GLU B 248 -1.87 19.07 -14.92
N LEU B 249 -3.07 18.73 -14.44
CA LEU B 249 -3.47 19.06 -13.07
C LEU B 249 -3.87 17.77 -12.37
N GLY B 250 -3.08 17.39 -11.37
CA GLY B 250 -3.34 16.15 -10.64
C GLY B 250 -3.95 16.33 -9.26
N LEU B 251 -5.23 16.02 -9.15
CA LEU B 251 -5.94 16.14 -7.89
C LEU B 251 -6.64 14.84 -7.50
N ASN B 252 -6.07 13.70 -7.88
CA ASN B 252 -6.68 12.42 -7.54
C ASN B 252 -6.55 12.19 -6.04
N ASP B 253 -7.68 11.83 -5.43
CA ASP B 253 -7.76 11.54 -4.00
C ASP B 253 -7.38 12.74 -3.14
N CYS B 254 -7.87 13.92 -3.49
CA CYS B 254 -7.56 15.12 -2.74
C CYS B 254 -8.74 15.66 -1.92
N LEU B 255 -9.86 14.95 -1.99
CA LEU B 255 -11.08 15.35 -1.28
C LEU B 255 -11.39 16.83 -1.43
N LEU B 256 -11.44 17.29 -2.68
CA LEU B 256 -11.72 18.68 -2.98
C LEU B 256 -13.05 19.07 -2.37
N SER B 257 -14.01 18.15 -2.48
CA SER B 257 -15.38 18.32 -2.00
C SER B 257 -16.23 18.77 -3.19
N ALA B 258 -17.52 18.46 -3.17
CA ALA B 258 -18.41 18.83 -4.25
C ALA B 258 -18.46 20.33 -4.45
N ARG B 259 -18.29 21.04 -3.34
CA ARG B 259 -18.29 22.49 -3.29
C ARG B 259 -16.92 22.97 -3.77
N GLY B 260 -15.89 22.22 -3.42
CA GLY B 260 -14.55 22.57 -3.83
C GLY B 260 -14.40 22.39 -5.32
N ALA B 261 -14.74 21.18 -5.78
CA ALA B 261 -14.67 20.85 -7.20
C ALA B 261 -15.45 21.87 -8.04
N ALA B 262 -16.63 22.23 -7.53
CA ALA B 262 -17.50 23.19 -8.19
C ALA B 262 -16.83 24.55 -8.37
N ALA B 263 -16.04 24.97 -7.38
CA ALA B 263 -15.35 26.25 -7.45
C ALA B 263 -14.17 26.16 -8.42
N VAL B 264 -13.43 25.06 -8.33
CA VAL B 264 -12.30 24.84 -9.20
C VAL B 264 -12.75 24.82 -10.66
N VAL B 265 -13.88 24.16 -10.94
CA VAL B 265 -14.38 24.11 -12.31
C VAL B 265 -14.72 25.55 -12.71
N ASP B 266 -15.41 26.26 -11.82
CA ASP B 266 -15.80 27.64 -12.03
C ASP B 266 -14.59 28.53 -12.38
N ALA B 267 -13.47 28.32 -11.70
CA ALA B 267 -12.26 29.11 -11.94
C ALA B 267 -11.72 28.82 -13.34
N PHE B 268 -11.97 27.61 -13.82
CA PHE B 268 -11.54 27.22 -15.14
C PHE B 268 -12.38 27.94 -16.21
N SER B 269 -13.66 28.15 -15.92
CA SER B 269 -14.58 28.81 -16.86
C SER B 269 -14.33 30.30 -16.97
N LYS B 270 -13.24 30.76 -16.37
CA LYS B 270 -12.88 32.17 -16.42
C LYS B 270 -11.47 32.36 -16.94
N LEU B 271 -10.84 31.27 -17.32
CA LEU B 271 -9.49 31.33 -17.86
C LEU B 271 -9.62 31.28 -19.36
N GLU B 272 -8.64 31.82 -20.08
CA GLU B 272 -8.75 31.81 -21.53
C GLU B 272 -7.58 31.06 -22.10
N ASN B 273 -7.66 30.73 -23.39
CA ASN B 273 -6.60 30.01 -24.08
C ASN B 273 -6.11 28.85 -23.22
N ILE B 274 -7.03 28.10 -22.63
CA ILE B 274 -6.68 26.97 -21.78
C ILE B 274 -6.05 25.84 -22.59
N GLY B 275 -4.78 25.56 -22.33
CA GLY B 275 -4.09 24.49 -23.05
C GLY B 275 -3.92 23.22 -22.25
N LEU B 276 -4.80 23.04 -21.27
CA LEU B 276 -4.76 21.87 -20.39
C LEU B 276 -5.04 20.58 -21.15
N GLN B 277 -4.25 19.53 -20.88
CA GLN B 277 -4.44 18.25 -21.56
C GLN B 277 -4.91 17.17 -20.59
N THR B 278 -4.41 17.21 -19.37
CA THR B 278 -4.74 16.19 -18.40
C THR B 278 -5.28 16.71 -17.07
N LEU B 279 -6.54 16.38 -16.79
CA LEU B 279 -7.23 16.78 -15.57
C LEU B 279 -7.65 15.54 -14.79
N ARG B 280 -6.90 15.21 -13.72
CA ARG B 280 -7.17 14.03 -12.90
C ARG B 280 -7.98 14.42 -11.66
N LEU B 281 -9.28 14.12 -11.67
CA LEU B 281 -10.17 14.50 -10.56
C LEU B 281 -10.84 13.36 -9.81
N GLN B 282 -10.18 12.20 -9.75
CA GLN B 282 -10.74 11.02 -9.09
C GLN B 282 -10.91 11.13 -7.58
N TYR B 283 -11.97 10.51 -7.08
CA TYR B 283 -12.28 10.47 -5.66
C TYR B 283 -12.22 11.80 -4.94
N ASN B 284 -13.01 12.76 -5.42
CA ASN B 284 -13.09 14.09 -4.82
C ASN B 284 -14.48 14.49 -4.36
N GLU B 285 -15.35 13.52 -4.16
CA GLU B 285 -16.73 13.78 -3.73
C GLU B 285 -17.40 14.79 -4.66
N ILE B 286 -17.07 14.71 -5.94
CA ILE B 286 -17.64 15.63 -6.92
C ILE B 286 -19.04 15.16 -7.33
N GLU B 287 -19.89 16.12 -7.69
CA GLU B 287 -21.25 15.77 -8.06
C GLU B 287 -21.63 16.04 -9.53
N LEU B 288 -22.89 15.83 -9.85
CA LEU B 288 -23.38 15.99 -11.22
C LEU B 288 -23.34 17.41 -11.80
N ASP B 289 -23.75 18.40 -11.02
CA ASP B 289 -23.77 19.76 -11.52
C ASP B 289 -22.41 20.31 -11.92
N ALA B 290 -21.40 20.10 -11.07
CA ALA B 290 -20.05 20.58 -11.36
C ALA B 290 -19.49 19.86 -12.59
N VAL B 291 -19.91 18.60 -12.78
CA VAL B 291 -19.49 17.80 -13.92
C VAL B 291 -20.21 18.29 -15.17
N ARG B 292 -21.45 18.74 -15.01
CA ARG B 292 -22.21 19.27 -16.14
C ARG B 292 -21.52 20.55 -16.63
N THR B 293 -21.12 21.38 -15.68
CA THR B 293 -20.43 22.63 -15.99
C THR B 293 -19.11 22.31 -16.65
N LEU B 294 -18.38 21.37 -16.04
CA LEU B 294 -17.08 20.93 -16.55
C LEU B 294 -17.23 20.47 -18.00
N LYS B 295 -18.34 19.79 -18.27
CA LYS B 295 -18.64 19.27 -19.59
C LYS B 295 -18.63 20.43 -20.58
N THR B 296 -19.25 21.53 -20.22
CA THR B 296 -19.31 22.72 -21.06
C THR B 296 -17.94 23.39 -21.18
N VAL B 297 -17.28 23.54 -20.02
CA VAL B 297 -15.95 24.14 -19.97
C VAL B 297 -14.99 23.41 -20.90
N ILE B 298 -15.00 22.08 -20.80
CA ILE B 298 -14.13 21.26 -21.63
C ILE B 298 -14.44 21.46 -23.11
N ASP B 299 -15.71 21.32 -23.44
CA ASP B 299 -16.18 21.46 -24.82
C ASP B 299 -15.91 22.84 -25.41
N GLU B 300 -16.09 23.88 -24.63
CA GLU B 300 -15.91 25.23 -25.13
C GLU B 300 -14.58 25.90 -24.79
N LYS B 301 -13.90 25.41 -23.76
CA LYS B 301 -12.65 26.05 -23.36
C LYS B 301 -11.42 25.15 -23.16
N MET B 302 -11.54 23.86 -23.46
CA MET B 302 -10.41 22.93 -23.33
C MET B 302 -10.26 22.09 -24.60
N PRO B 303 -9.87 22.74 -25.71
CA PRO B 303 -9.67 22.13 -27.03
C PRO B 303 -8.49 21.15 -27.10
N ASP B 304 -7.55 21.31 -26.18
CA ASP B 304 -6.37 20.46 -26.13
C ASP B 304 -6.42 19.37 -25.08
N LEU B 305 -7.59 19.06 -24.55
CA LEU B 305 -7.70 18.04 -23.50
C LEU B 305 -7.65 16.63 -24.08
N LEU B 306 -6.87 15.77 -23.43
CA LEU B 306 -6.69 14.38 -23.86
C LEU B 306 -7.18 13.35 -22.83
N PHE B 307 -7.02 13.68 -21.55
CA PHE B 307 -7.39 12.76 -20.47
C PHE B 307 -8.25 13.38 -19.38
N LEU B 308 -9.36 12.72 -19.05
CA LEU B 308 -10.24 13.20 -17.99
C LEU B 308 -10.47 12.05 -17.02
N GLU B 309 -10.14 12.28 -15.75
CA GLU B 309 -10.31 11.26 -14.72
C GLU B 309 -11.35 11.67 -13.69
N LEU B 310 -12.45 10.93 -13.64
CA LEU B 310 -13.54 11.22 -12.69
C LEU B 310 -14.09 9.98 -11.95
N ASN B 311 -13.36 8.87 -12.01
CA ASN B 311 -13.79 7.65 -11.34
C ASN B 311 -13.86 7.90 -9.82
N GLY B 312 -14.82 7.26 -9.17
CA GLY B 312 -14.95 7.40 -7.72
C GLY B 312 -15.67 8.61 -7.17
N ASN B 313 -16.31 9.40 -8.02
CA ASN B 313 -17.00 10.59 -7.54
C ASN B 313 -18.48 10.32 -7.24
N ARG B 314 -19.18 11.36 -6.81
CA ARG B 314 -20.60 11.26 -6.44
C ARG B 314 -21.64 11.49 -7.55
N PHE B 315 -21.52 10.77 -8.65
CA PHE B 315 -22.48 10.89 -9.74
C PHE B 315 -22.43 9.56 -10.51
N SER B 316 -23.49 9.22 -11.22
CA SER B 316 -23.55 7.96 -11.95
C SER B 316 -22.95 8.01 -13.34
N GLU B 317 -22.42 6.86 -13.75
CA GLU B 317 -21.82 6.72 -15.06
C GLU B 317 -22.93 6.84 -16.09
N GLU B 318 -24.17 6.57 -15.64
CA GLU B 318 -25.34 6.62 -16.52
C GLU B 318 -25.87 8.03 -16.72
N ASP B 319 -25.56 8.95 -15.81
CA ASP B 319 -26.03 10.33 -15.95
C ASP B 319 -25.68 10.82 -17.33
N ASP B 320 -26.67 11.38 -18.02
CA ASP B 320 -26.51 11.86 -19.39
C ASP B 320 -25.26 12.67 -19.68
N VAL B 321 -24.73 13.39 -18.69
CA VAL B 321 -23.53 14.19 -18.92
C VAL B 321 -22.33 13.33 -19.34
N VAL B 322 -22.26 12.10 -18.84
CA VAL B 322 -21.16 11.19 -19.16
C VAL B 322 -21.03 10.91 -20.66
N ASP B 323 -22.15 10.71 -21.33
CA ASP B 323 -22.12 10.46 -22.77
C ASP B 323 -21.89 11.75 -23.54
N GLU B 324 -22.32 12.87 -22.96
CA GLU B 324 -22.13 14.18 -23.58
C GLU B 324 -20.62 14.45 -23.63
N ILE B 325 -19.94 14.05 -22.57
CA ILE B 325 -18.50 14.23 -22.49
C ILE B 325 -17.89 13.32 -23.55
N ARG B 326 -18.34 12.08 -23.58
CA ARG B 326 -17.84 11.13 -24.56
C ARG B 326 -18.04 11.66 -25.97
N GLU B 327 -19.19 12.26 -26.23
CA GLU B 327 -19.47 12.82 -27.56
C GLU B 327 -18.51 13.93 -27.96
N VAL B 328 -18.08 14.75 -27.01
CA VAL B 328 -17.14 15.82 -27.33
C VAL B 328 -15.83 15.22 -27.82
N PHE B 329 -15.34 14.22 -27.09
CA PHE B 329 -14.10 13.56 -27.48
C PHE B 329 -14.40 12.80 -28.76
N SER B 330 -15.60 12.21 -28.82
CA SER B 330 -16.02 11.45 -29.98
C SER B 330 -16.07 12.33 -31.23
N THR B 331 -16.51 13.57 -31.05
CA THR B 331 -16.62 14.54 -32.12
C THR B 331 -15.28 15.18 -32.48
N ARG B 332 -14.40 15.29 -31.49
CA ARG B 332 -13.08 15.88 -31.69
C ARG B 332 -12.05 14.88 -32.22
N GLY B 333 -12.26 13.59 -31.92
CA GLY B 333 -11.32 12.56 -32.36
C GLY B 333 -10.19 12.39 -31.37
N ARG B 334 -10.02 13.39 -30.50
CA ARG B 334 -8.98 13.40 -29.50
C ARG B 334 -9.58 13.52 -28.09
N GLY B 335 -9.01 12.81 -27.11
CA GLY B 335 -9.50 12.88 -25.76
C GLY B 335 -10.25 11.64 -25.28
N GLU B 336 -10.26 11.43 -23.96
CA GLU B 336 -10.93 10.27 -23.40
C GLU B 336 -11.25 10.45 -21.93
N LEU B 337 -12.32 9.79 -21.49
CA LEU B 337 -12.74 9.82 -20.10
C LEU B 337 -12.30 8.49 -19.53
N ASP B 338 -12.19 8.40 -18.21
CA ASP B 338 -11.76 7.15 -17.60
C ASP B 338 -12.96 6.25 -17.29
N GLU B 339 -12.68 4.99 -16.97
CA GLU B 339 -13.72 4.02 -16.65
C GLU B 339 -14.36 4.37 -15.31
N LEU B 340 -15.67 4.59 -15.31
CA LEU B 340 -16.40 4.94 -14.10
C LEU B 340 -16.98 3.72 -13.38
N ASP B 341 -16.11 2.79 -13.00
CA ASP B 341 -16.51 1.55 -12.33
C ASP B 341 -16.55 1.58 -10.80
N ASP B 342 -16.23 2.72 -10.20
CA ASP B 342 -16.24 2.78 -8.75
C ASP B 342 -16.81 4.08 -8.18
N MET B 343 -17.93 4.52 -8.74
CA MET B 343 -18.58 5.77 -8.32
C MET B 343 -19.16 5.67 -6.90
N GLU B 344 -19.45 6.82 -6.32
CA GLU B 344 -19.99 6.88 -4.96
C GLU B 344 -21.47 7.25 -4.94
N GLU B 345 -21.82 8.35 -5.42
#